data_4YIY
#
_entry.id   4YIY
#
_cell.length_a   103.181
_cell.length_b   71.522
_cell.length_c   103.543
_cell.angle_alpha   90.000
_cell.angle_beta   120.030
_cell.angle_gamma   90.000
#
_symmetry.space_group_name_H-M   'P 1 21 1'
#
loop_
_entity.id
_entity.type
_entity.pdbx_description
1 polymer 'kRNA Editing A6 Specific Protein'
2 non-polymer 'PHOSPHOAMINOPHOSPHONIC ACID-ADENYLATE ESTER'
3 non-polymer 'MAGNESIUM ION'
4 water water
#
_entity_poly.entity_id   1
_entity_poly.type   'polypeptide(L)'
_entity_poly.pdbx_seq_one_letter_code
;MHHHHHHSSGVDLGTENLYFQSRGGRGGGRGHSHWHNNAPMERGGHMPSNNEGAAISSGSTGFSPLMDFFHSVEGRNYGE
LRSLTNETYQISENVRCTFLSIQSDPFAPGSQVRLVCPCTFSLEKVLQTTDLAAANPCRRVAAEDFILRSFHAGYRNGIP
RRTSGAVQVLRPSQHVLERSTVGLVKAHQQKSGMQAEIEIFARVKLPGHGRRIDGHGAIDIFYNELVPLLEQCVVGLNEE
DLHQHVICVHDQEELRSNLLGAGYVAFVANGAILPRDAGNSDKPLRDNAVPFQSPKSLECSFTLPHSGKTITGMGLPPGL
TLIAGGGFHGKSTLLRALEVGIYNHVPDDGRTYVVVDPTAVKIRAEDRRSVHGVDISPFINNLPFGKTTNFFVTADASGS
TSQAANIMEALELGSQLLLLDEDTCATNLMYRDALMQMLVPRAQEPITPFVERVADLSQNHGVSSIMVIGGSGQYFPQAR
VVLVMNAYQISDCTKEAKEIASNSSLPALNPPGDTASVFIPDVNRCFDPDGSFTTVRRRRGREGTKVSGIGTESIRFSEE
TIDLSMVEQIVEEGQVNAIAQCLALLYDGEPRIVPEMTTKGGALTQLPSPGGVCEIQRGKFNSNFSSMIAGCCSHQHDKR
LELRTPSCYLPRGFTSATRHIEIGAALNRLRTLRTVTAKR
;
_entity_poly.pdbx_strand_id   B,A
#
# COMPACT_ATOMS: atom_id res chain seq x y z
N SER A 64 4.14 -44.94 12.57
CA SER A 64 5.10 -45.73 13.33
C SER A 64 6.55 -45.62 12.83
N PRO A 65 6.85 -46.05 11.58
CA PRO A 65 8.25 -46.23 11.18
C PRO A 65 9.05 -44.94 11.11
N LEU A 66 8.37 -43.84 10.80
CA LEU A 66 8.99 -42.54 10.64
C LEU A 66 9.82 -42.12 11.84
N MET A 67 9.22 -42.20 13.02
CA MET A 67 9.89 -41.77 14.24
C MET A 67 11.09 -42.65 14.52
N ASP A 68 10.91 -43.95 14.31
CA ASP A 68 11.95 -44.94 14.55
C ASP A 68 13.13 -44.65 13.63
N PHE A 69 12.83 -44.11 12.46
CA PHE A 69 13.85 -43.55 11.62
C PHE A 69 14.52 -42.32 12.22
N PHE A 70 13.69 -41.43 12.72
CA PHE A 70 14.15 -40.11 12.99
C PHE A 70 15.20 -40.13 14.04
N HIS A 71 14.94 -40.87 15.11
CA HIS A 71 15.84 -40.87 16.24
C HIS A 71 17.10 -41.43 15.70
N SER A 72 16.95 -42.42 14.84
CA SER A 72 18.17 -42.91 14.23
C SER A 72 18.96 -41.72 13.72
N VAL A 73 18.34 -40.83 12.99
CA VAL A 73 19.05 -39.74 12.34
C VAL A 73 19.62 -38.63 13.22
N GLU A 74 19.14 -38.54 14.44
CA GLU A 74 19.07 -37.32 15.19
C GLU A 74 20.40 -36.64 15.52
N GLY A 75 21.43 -37.44 15.69
CA GLY A 75 22.74 -36.86 15.70
C GLY A 75 23.09 -36.37 14.33
N ARG A 76 22.76 -37.20 13.37
CA ARG A 76 23.31 -37.13 12.02
C ARG A 76 23.14 -35.75 11.39
N ASN A 77 23.82 -35.55 10.28
CA ASN A 77 23.78 -34.28 9.63
C ASN A 77 22.47 -34.00 8.95
N TYR A 78 22.18 -32.75 8.67
CA TYR A 78 20.91 -32.38 8.06
C TYR A 78 20.79 -33.04 6.72
N GLY A 79 21.87 -33.23 6.01
CA GLY A 79 21.74 -33.75 4.68
C GLY A 79 20.90 -34.99 4.49
N GLU A 80 21.14 -36.00 5.29
CA GLU A 80 20.37 -37.24 5.16
C GLU A 80 18.82 -37.11 5.11
N LEU A 81 18.38 -35.87 5.29
CA LEU A 81 16.94 -35.60 5.28
C LEU A 81 16.58 -35.69 3.81
N ARG A 82 17.59 -35.70 2.95
CA ARG A 82 17.36 -35.90 1.52
C ARG A 82 16.97 -37.35 1.25
N SER A 83 16.97 -38.17 2.30
CA SER A 83 16.42 -39.51 2.16
C SER A 83 14.89 -39.43 2.19
N LEU A 84 14.38 -38.46 2.96
CA LEU A 84 12.95 -38.35 3.24
C LEU A 84 12.10 -38.00 2.04
N THR A 85 12.77 -37.60 0.98
CA THR A 85 12.16 -37.16 -0.25
C THR A 85 11.33 -38.27 -0.75
N ASN A 86 10.15 -37.96 -1.24
CA ASN A 86 9.38 -38.93 -1.95
C ASN A 86 8.90 -40.01 -1.03
N GLU A 87 9.80 -40.45 -0.16
CA GLU A 87 9.48 -41.55 0.72
C GLU A 87 8.24 -41.15 1.50
N THR A 88 7.27 -42.04 1.58
CA THR A 88 5.98 -41.71 2.12
C THR A 88 5.67 -42.62 3.28
N TYR A 89 5.21 -42.06 4.39
CA TYR A 89 5.07 -42.78 5.65
C TYR A 89 3.67 -42.63 6.20
N GLN A 90 3.27 -43.54 7.07
CA GLN A 90 1.97 -43.48 7.72
C GLN A 90 2.32 -43.28 9.19
N ILE A 91 1.88 -42.17 9.76
CA ILE A 91 2.18 -41.85 11.14
C ILE A 91 0.96 -42.18 11.99
N SER A 92 -0.03 -42.79 11.36
CA SER A 92 -1.24 -43.24 12.04
C SER A 92 -2.08 -44.08 11.09
N GLU A 93 -3.10 -44.72 11.64
CA GLU A 93 -4.11 -45.41 10.86
C GLU A 93 -4.68 -44.44 9.82
N ASN A 94 -5.43 -43.46 10.30
CA ASN A 94 -6.12 -42.54 9.38
C ASN A 94 -5.26 -41.40 8.81
N VAL A 95 -3.94 -41.53 8.91
CA VAL A 95 -3.07 -40.52 8.38
C VAL A 95 -1.93 -41.08 7.53
N ARG A 96 -1.49 -40.29 6.58
CA ARG A 96 -0.36 -40.63 5.73
C ARG A 96 0.31 -39.35 5.28
N CYS A 97 1.62 -39.30 5.17
CA CYS A 97 2.29 -38.08 4.70
C CYS A 97 3.25 -38.34 3.54
N THR A 98 3.19 -37.53 2.50
CA THR A 98 4.15 -37.55 1.41
C THR A 98 5.08 -36.39 1.06
N PHE A 99 6.37 -36.62 1.14
CA PHE A 99 7.36 -35.54 1.16
C PHE A 99 7.61 -35.08 -0.28
N LEU A 100 7.03 -33.94 -0.63
CA LEU A 100 7.19 -33.36 -1.97
C LEU A 100 8.54 -32.68 -2.15
N SER A 101 9.17 -32.28 -1.05
CA SER A 101 10.48 -31.68 -1.08
C SER A 101 11.09 -31.75 0.27
N ILE A 102 12.37 -31.42 0.34
CA ILE A 102 13.10 -31.29 1.59
C ILE A 102 13.98 -30.06 1.50
N GLN A 103 13.88 -29.20 2.50
CA GLN A 103 14.70 -27.99 2.54
C GLN A 103 16.18 -28.33 2.55
N SER A 104 16.94 -27.38 2.03
CA SER A 104 18.38 -27.35 2.09
C SER A 104 18.96 -27.11 3.49
N ASP A 105 18.28 -26.23 4.20
CA ASP A 105 18.72 -25.64 5.43
C ASP A 105 17.57 -25.66 6.38
N PRO A 106 17.90 -25.52 7.64
CA PRO A 106 16.94 -25.45 8.71
C PRO A 106 16.12 -24.21 8.54
N PHE A 107 16.76 -23.16 8.05
CA PHE A 107 16.08 -21.91 7.74
C PHE A 107 15.07 -21.95 6.65
N ALA A 108 15.36 -22.68 5.59
CA ALA A 108 14.63 -22.50 4.37
C ALA A 108 13.17 -22.76 4.62
N PRO A 109 12.37 -22.08 3.86
CA PRO A 109 11.07 -21.62 4.30
C PRO A 109 10.23 -22.79 4.70
N GLY A 110 10.62 -23.96 4.25
CA GLY A 110 10.05 -25.18 4.75
C GLY A 110 10.14 -26.29 3.76
N SER A 111 9.66 -27.45 4.16
CA SER A 111 9.74 -28.58 3.30
C SER A 111 8.37 -29.11 3.00
N GLN A 112 8.05 -29.16 1.71
CA GLN A 112 6.69 -29.32 1.24
C GLN A 112 6.20 -30.76 1.40
N VAL A 113 5.06 -30.95 2.04
CA VAL A 113 4.52 -32.28 2.22
C VAL A 113 3.05 -32.40 1.91
N ARG A 114 2.67 -33.60 1.48
CA ARG A 114 1.29 -33.92 1.20
C ARG A 114 0.72 -34.73 2.33
N LEU A 115 -0.33 -34.20 2.92
CA LEU A 115 -1.02 -34.85 4.01
C LEU A 115 -2.25 -35.52 3.46
N VAL A 116 -2.33 -36.83 3.65
CA VAL A 116 -3.40 -37.61 3.08
C VAL A 116 -4.20 -38.29 4.17
N CYS A 117 -5.52 -38.16 4.09
CA CYS A 117 -6.37 -38.86 5.05
C CYS A 117 -7.69 -39.28 4.41
N PRO A 118 -8.31 -40.35 4.95
CA PRO A 118 -9.56 -40.85 4.37
C PRO A 118 -10.71 -39.84 4.46
N CYS A 119 -11.66 -39.96 3.53
CA CYS A 119 -12.83 -39.11 3.54
C CYS A 119 -13.99 -39.82 4.24
N THR A 120 -14.26 -39.41 5.48
CA THR A 120 -15.19 -40.16 6.31
C THR A 120 -16.66 -39.86 6.01
N PHE A 121 -16.98 -38.63 5.62
CA PHE A 121 -18.38 -38.22 5.54
C PHE A 121 -19.12 -38.82 4.35
N SER A 122 -20.45 -38.83 4.44
CA SER A 122 -21.27 -39.36 3.36
C SER A 122 -21.37 -38.35 2.23
N LEU A 123 -20.78 -38.64 1.10
CA LEU A 123 -20.79 -37.73 -0.02
C LEU A 123 -22.21 -37.51 -0.49
N GLU A 124 -23.04 -38.51 -0.25
CA GLU A 124 -24.42 -38.48 -0.69
C GLU A 124 -25.18 -37.30 -0.12
N LYS A 125 -24.94 -37.00 1.15
CA LYS A 125 -25.72 -35.99 1.85
C LYS A 125 -25.18 -34.61 1.51
N VAL A 126 -23.89 -34.56 1.23
CA VAL A 126 -23.23 -33.27 1.05
C VAL A 126 -22.97 -32.95 -0.43
N LEU A 127 -22.58 -33.93 -1.21
CA LEU A 127 -22.33 -33.65 -2.62
C LEU A 127 -23.34 -34.21 -3.59
N GLN A 128 -24.31 -34.92 -3.08
CA GLN A 128 -25.43 -35.37 -3.85
C GLN A 128 -25.01 -36.31 -4.97
N THR A 129 -23.95 -37.06 -4.75
CA THR A 129 -23.59 -38.13 -5.65
C THR A 129 -22.70 -39.12 -4.96
N THR A 130 -22.86 -40.40 -5.25
CA THR A 130 -21.98 -41.45 -4.74
C THR A 130 -20.59 -41.34 -5.31
N ASP A 131 -20.53 -41.02 -6.59
CA ASP A 131 -19.26 -40.90 -7.29
C ASP A 131 -18.72 -39.51 -7.21
N LEU A 132 -17.43 -39.41 -6.91
CA LEU A 132 -16.74 -38.15 -6.86
C LEU A 132 -17.00 -37.30 -8.10
N ALA A 133 -16.60 -37.83 -9.25
CA ALA A 133 -16.50 -37.03 -10.50
C ALA A 133 -17.77 -36.34 -10.95
N ALA A 134 -18.92 -36.71 -10.39
CA ALA A 134 -20.16 -36.04 -10.76
C ALA A 134 -20.41 -34.80 -9.91
N ALA A 135 -19.87 -34.82 -8.69
CA ALA A 135 -20.07 -33.77 -7.70
C ALA A 135 -19.99 -32.36 -8.26
N ASN A 136 -20.99 -31.53 -7.93
CA ASN A 136 -20.99 -30.13 -8.33
C ASN A 136 -19.75 -29.46 -7.79
N PRO A 137 -18.91 -28.93 -8.69
CA PRO A 137 -17.68 -28.27 -8.25
C PRO A 137 -17.92 -27.16 -7.23
N CYS A 138 -19.10 -26.56 -7.21
CA CYS A 138 -19.39 -25.56 -6.18
C CYS A 138 -19.35 -26.21 -4.79
N ARG A 139 -19.91 -27.41 -4.71
CA ARG A 139 -19.92 -28.17 -3.47
C ARG A 139 -18.58 -28.83 -3.22
N ARG A 140 -17.82 -29.06 -4.27
CA ARG A 140 -16.47 -29.56 -4.13
C ARG A 140 -15.56 -28.57 -3.52
N VAL A 141 -15.70 -27.34 -3.97
CA VAL A 141 -14.98 -26.23 -3.41
C VAL A 141 -15.41 -26.02 -1.98
N ALA A 142 -16.71 -25.80 -1.75
CA ALA A 142 -17.20 -25.56 -0.38
C ALA A 142 -16.77 -26.67 0.58
N ALA A 143 -16.69 -27.89 0.05
CA ALA A 143 -16.16 -29.00 0.83
C ALA A 143 -14.73 -28.70 1.26
N GLU A 144 -13.85 -28.52 0.28
CA GLU A 144 -12.42 -28.38 0.58
C GLU A 144 -12.12 -27.15 1.45
N ASP A 145 -12.88 -26.09 1.19
CA ASP A 145 -12.88 -24.89 1.99
C ASP A 145 -13.17 -25.21 3.43
N PHE A 146 -14.28 -25.92 3.68
CA PHE A 146 -14.68 -26.28 5.03
C PHE A 146 -13.71 -27.17 5.73
N ILE A 147 -13.14 -28.10 5.02
CA ILE A 147 -12.12 -28.98 5.57
C ILE A 147 -10.92 -28.18 6.09
N LEU A 148 -10.41 -27.26 5.30
CA LEU A 148 -9.25 -26.52 5.72
C LEU A 148 -9.63 -25.79 6.92
N ARG A 149 -10.80 -25.22 6.87
CA ARG A 149 -11.21 -24.31 7.87
C ARG A 149 -11.22 -24.99 9.21
N SER A 150 -11.74 -26.20 9.26
CA SER A 150 -11.79 -26.93 10.49
C SER A 150 -10.41 -27.26 10.92
N PHE A 151 -9.59 -27.66 9.98
CA PHE A 151 -8.21 -28.00 10.29
C PHE A 151 -7.55 -26.87 11.06
N HIS A 152 -7.71 -25.66 10.53
CA HIS A 152 -7.12 -24.48 11.14
C HIS A 152 -7.75 -24.20 12.50
N ALA A 153 -9.07 -24.40 12.60
CA ALA A 153 -9.77 -24.17 13.86
C ALA A 153 -9.23 -25.10 14.92
N GLY A 154 -8.68 -26.23 14.48
CA GLY A 154 -8.05 -27.17 15.39
C GLY A 154 -6.99 -26.56 16.29
N TYR A 155 -6.45 -25.41 15.93
CA TYR A 155 -5.43 -24.80 16.76
C TYR A 155 -6.04 -24.04 17.93
N ARG A 156 -7.20 -23.45 17.73
CA ARG A 156 -7.85 -22.66 18.77
C ARG A 156 -8.61 -23.52 19.76
N ASN A 157 -8.90 -24.76 19.37
CA ASN A 157 -9.67 -25.66 20.22
C ASN A 157 -8.75 -26.55 21.05
N GLY A 158 -7.48 -26.16 21.15
CA GLY A 158 -6.51 -26.87 21.96
C GLY A 158 -6.29 -28.31 21.54
N ILE A 159 -6.57 -28.61 20.26
CA ILE A 159 -6.48 -29.97 19.72
C ILE A 159 -5.04 -30.52 19.65
N PRO A 160 -4.08 -29.75 19.09
CA PRO A 160 -2.75 -30.34 19.01
C PRO A 160 -2.10 -30.53 20.38
N ARG A 161 -1.43 -31.66 20.56
CA ARG A 161 -0.76 -31.93 21.82
C ARG A 161 0.36 -30.92 22.05
N ARG A 162 1.03 -30.56 20.96
CA ARG A 162 2.13 -29.60 20.99
C ARG A 162 2.01 -28.61 19.86
N THR A 163 2.70 -27.48 19.95
CA THR A 163 2.55 -26.45 18.95
C THR A 163 3.84 -25.86 18.44
N SER A 164 4.51 -26.60 17.56
CA SER A 164 5.79 -26.23 17.01
C SER A 164 5.69 -24.94 16.25
N GLY A 165 4.63 -24.80 15.51
CA GLY A 165 4.45 -23.59 14.71
C GLY A 165 5.47 -23.57 13.58
N ALA A 166 5.90 -24.75 13.17
CA ALA A 166 6.75 -24.91 11.98
C ALA A 166 5.89 -25.37 10.82
N VAL A 167 4.59 -25.47 11.08
CA VAL A 167 3.62 -25.97 10.13
C VAL A 167 2.89 -24.83 9.42
N GLN A 168 3.25 -24.61 8.17
CA GLN A 168 2.61 -23.56 7.37
C GLN A 168 1.57 -24.14 6.42
N VAL A 169 0.30 -23.82 6.65
CA VAL A 169 -0.80 -24.26 5.82
C VAL A 169 -1.74 -23.09 5.55
N LEU A 170 -2.00 -22.83 4.28
CA LEU A 170 -2.67 -21.60 3.86
C LEU A 170 -3.87 -21.24 4.71
N ARG A 171 -3.94 -19.97 5.10
CA ARG A 171 -5.06 -19.48 5.87
C ARG A 171 -6.10 -18.87 4.94
N PRO A 172 -7.25 -19.48 4.88
CA PRO A 172 -8.29 -19.06 3.98
C PRO A 172 -8.92 -17.83 4.50
N SER A 173 -9.49 -17.02 3.65
CA SER A 173 -10.05 -15.77 4.07
C SER A 173 -11.46 -16.00 4.43
N GLN A 174 -12.26 -14.96 4.44
CA GLN A 174 -13.64 -15.10 4.81
C GLN A 174 -14.36 -15.50 3.59
N HIS A 175 -13.59 -15.59 2.52
CA HIS A 175 -14.16 -15.94 1.23
C HIS A 175 -14.01 -17.39 0.83
N VAL A 176 -15.02 -17.95 0.18
CA VAL A 176 -14.97 -19.31 -0.23
C VAL A 176 -14.46 -19.38 -1.63
N LEU A 177 -13.27 -19.91 -1.75
CA LEU A 177 -12.51 -19.91 -2.99
C LEU A 177 -12.03 -21.32 -3.30
N GLU A 178 -11.85 -21.63 -4.59
CA GLU A 178 -11.15 -22.85 -4.94
C GLU A 178 -9.69 -22.64 -4.59
N ARG A 179 -9.11 -23.58 -3.86
CA ARG A 179 -7.71 -23.49 -3.46
C ARG A 179 -7.08 -24.84 -3.66
N SER A 180 -5.84 -24.84 -4.16
CA SER A 180 -5.09 -26.07 -4.34
C SER A 180 -4.84 -26.81 -3.04
N THR A 181 -4.98 -26.09 -1.93
CA THR A 181 -4.57 -26.54 -0.60
C THR A 181 -5.25 -27.82 -0.16
N VAL A 182 -6.57 -27.80 -0.16
CA VAL A 182 -7.32 -29.03 0.05
C VAL A 182 -7.90 -29.51 -1.27
N GLY A 183 -7.64 -30.76 -1.59
CA GLY A 183 -8.18 -31.38 -2.78
C GLY A 183 -8.94 -32.63 -2.37
N LEU A 184 -10.10 -32.82 -2.98
CA LEU A 184 -10.90 -34.00 -2.75
C LEU A 184 -10.73 -35.01 -3.90
N VAL A 185 -10.00 -36.11 -3.65
CA VAL A 185 -9.68 -37.09 -4.70
C VAL A 185 -9.87 -38.53 -4.26
N LYS A 186 -10.00 -39.43 -5.22
CA LYS A 186 -10.02 -40.86 -4.92
C LYS A 186 -9.23 -41.67 -5.92
N GLU A 197 -10.89 -39.42 -0.99
CA GLU A 197 -9.89 -39.07 0.02
C GLU A 197 -9.75 -37.56 0.22
N ILE A 198 -8.84 -37.19 1.10
CA ILE A 198 -8.55 -35.79 1.39
C ILE A 198 -7.06 -35.47 1.34
N GLU A 199 -6.76 -34.40 0.61
CA GLU A 199 -5.42 -33.99 0.24
C GLU A 199 -5.12 -32.60 0.78
N ILE A 200 -4.26 -32.49 1.76
CA ILE A 200 -3.92 -31.18 2.29
C ILE A 200 -2.43 -30.91 2.15
N PHE A 201 -2.08 -29.83 1.48
CA PHE A 201 -0.68 -29.49 1.28
C PHE A 201 -0.13 -28.64 2.42
N ALA A 202 1.11 -28.90 2.81
CA ALA A 202 1.72 -28.15 3.90
C ALA A 202 3.20 -27.85 3.68
N ARG A 203 3.73 -26.99 4.55
CA ARG A 203 5.11 -26.55 4.49
C ARG A 203 5.73 -26.62 5.88
N VAL A 204 6.78 -27.40 6.06
CA VAL A 204 7.30 -27.62 7.38
C VAL A 204 8.75 -27.28 7.58
N LYS A 205 9.02 -26.67 8.72
CA LYS A 205 10.35 -26.27 9.05
C LYS A 205 10.95 -27.31 9.93
N LEU A 206 11.72 -28.20 9.35
CA LEU A 206 12.28 -29.28 10.11
C LEU A 206 13.48 -28.73 10.81
N PRO A 207 13.38 -28.65 12.12
CA PRO A 207 14.43 -28.05 12.95
C PRO A 207 15.81 -28.68 12.71
N GLY A 210 20.02 -26.74 16.78
CA GLY A 210 21.34 -26.86 16.21
C GLY A 210 20.99 -27.45 14.86
N ARG A 211 21.95 -27.42 13.93
CA ARG A 211 21.73 -28.03 12.62
C ARG A 211 22.04 -29.62 12.50
N ARG A 212 22.44 -30.11 13.64
CA ARG A 212 22.36 -31.52 13.82
C ARG A 212 20.86 -31.68 13.87
N ILE A 213 20.35 -32.74 13.26
CA ILE A 213 18.92 -32.95 13.12
C ILE A 213 18.26 -32.89 14.50
N ASP A 214 17.09 -32.29 14.58
CA ASP A 214 16.32 -32.35 15.81
C ASP A 214 15.21 -33.38 15.65
N GLY A 215 15.59 -34.65 15.74
CA GLY A 215 14.68 -35.75 15.50
C GLY A 215 13.49 -35.76 16.42
N HIS A 216 13.75 -35.47 17.69
CA HIS A 216 12.68 -35.35 18.64
C HIS A 216 11.73 -34.23 18.25
N GLY A 217 12.30 -33.12 17.80
CA GLY A 217 11.51 -31.96 17.39
C GLY A 217 10.51 -32.30 16.28
N ALA A 218 11.03 -32.91 15.22
CA ALA A 218 10.20 -33.38 14.14
C ALA A 218 9.12 -34.32 14.68
N ILE A 219 9.57 -35.30 15.47
CA ILE A 219 8.66 -36.26 16.08
C ILE A 219 7.48 -35.55 16.74
N ASP A 220 7.77 -34.45 17.41
CA ASP A 220 6.72 -33.63 17.97
C ASP A 220 5.84 -33.10 16.87
N ILE A 221 6.42 -32.62 15.81
CA ILE A 221 5.59 -31.99 14.83
C ILE A 221 4.54 -32.94 14.33
N PHE A 222 4.89 -34.19 14.14
CA PHE A 222 3.98 -35.12 13.49
C PHE A 222 3.13 -36.00 14.41
N TYR A 223 3.76 -36.67 15.36
CA TYR A 223 3.01 -37.47 16.30
C TYR A 223 2.14 -36.57 17.10
N ASN A 224 2.66 -35.41 17.47
CA ASN A 224 1.99 -34.61 18.48
C ASN A 224 1.13 -33.48 17.93
N GLU A 225 1.52 -32.90 16.80
CA GLU A 225 0.81 -31.72 16.34
C GLU A 225 -0.14 -31.99 15.18
N LEU A 226 0.38 -32.56 14.11
CA LEU A 226 -0.39 -32.73 12.89
C LEU A 226 -1.46 -33.81 12.98
N VAL A 227 -1.05 -34.98 13.47
CA VAL A 227 -1.98 -36.10 13.57
C VAL A 227 -3.24 -35.78 14.38
N PRO A 228 -3.10 -35.23 15.60
CA PRO A 228 -4.35 -35.02 16.35
C PRO A 228 -5.27 -34.03 15.65
N LEU A 229 -4.68 -33.03 15.00
CA LEU A 229 -5.43 -32.09 14.19
C LEU A 229 -6.22 -32.80 13.11
N LEU A 230 -5.54 -33.71 12.40
CA LEU A 230 -6.14 -34.44 11.30
C LEU A 230 -7.25 -35.37 11.77
N GLU A 231 -6.88 -36.28 12.66
CA GLU A 231 -7.80 -37.26 13.22
C GLU A 231 -9.03 -36.63 13.86
N GLN A 232 -8.86 -35.51 14.55
CA GLN A 232 -9.98 -34.91 15.28
C GLN A 232 -10.81 -33.92 14.46
N CYS A 233 -10.17 -32.99 13.77
CA CYS A 233 -10.92 -31.96 13.06
C CYS A 233 -11.16 -32.30 11.59
N VAL A 234 -10.29 -33.12 10.99
CA VAL A 234 -10.41 -33.46 9.57
C VAL A 234 -11.01 -34.86 9.31
N VAL A 235 -10.38 -35.91 9.84
CA VAL A 235 -11.03 -37.21 9.83
C VAL A 235 -12.28 -37.12 10.68
N GLY A 236 -12.13 -36.57 11.88
CA GLY A 236 -13.22 -36.46 12.83
C GLY A 236 -14.11 -35.25 12.61
N LEU A 237 -14.43 -34.98 11.39
CA LEU A 237 -15.13 -33.80 10.99
C LEU A 237 -16.57 -33.88 11.47
N ASN A 238 -17.30 -32.77 11.32
CA ASN A 238 -18.67 -32.64 11.76
C ASN A 238 -19.51 -32.45 10.55
N GLU A 239 -20.17 -33.51 10.14
CA GLU A 239 -20.91 -33.61 8.91
C GLU A 239 -22.11 -32.69 8.77
N GLU A 240 -22.79 -32.45 9.86
CA GLU A 240 -23.92 -31.53 9.83
C GLU A 240 -23.55 -30.12 9.50
N ASP A 241 -22.42 -29.68 10.01
CA ASP A 241 -21.88 -28.39 9.66
C ASP A 241 -21.36 -28.37 8.23
N LEU A 242 -20.62 -29.36 7.87
CA LEU A 242 -20.05 -29.43 6.57
C LEU A 242 -21.13 -29.42 5.54
N HIS A 243 -22.19 -30.14 5.78
CA HIS A 243 -23.36 -30.13 4.94
C HIS A 243 -23.94 -28.73 4.87
N GLN A 244 -24.11 -28.10 6.03
CA GLN A 244 -24.71 -26.76 6.08
C GLN A 244 -23.84 -25.70 5.39
N HIS A 245 -22.52 -25.85 5.53
CA HIS A 245 -21.56 -25.04 4.83
C HIS A 245 -21.92 -25.09 3.37
N VAL A 246 -21.85 -26.30 2.84
CA VAL A 246 -22.04 -26.53 1.43
C VAL A 246 -23.40 -26.02 0.93
N ILE A 247 -24.43 -26.15 1.76
CA ILE A 247 -25.74 -25.64 1.40
C ILE A 247 -25.72 -24.12 1.27
N CYS A 248 -25.04 -23.45 2.20
CA CYS A 248 -25.03 -21.99 2.19
C CYS A 248 -24.27 -21.49 0.99
N VAL A 249 -23.10 -22.08 0.76
CA VAL A 249 -22.24 -21.75 -0.38
C VAL A 249 -22.98 -21.93 -1.70
N HIS A 250 -23.51 -23.12 -1.92
CA HIS A 250 -24.18 -23.42 -3.15
C HIS A 250 -25.36 -22.55 -3.37
N ASP A 251 -26.15 -22.39 -2.34
CA ASP A 251 -27.35 -21.60 -2.42
C ASP A 251 -26.93 -20.20 -2.68
N GLN A 252 -25.80 -19.87 -2.11
CA GLN A 252 -25.18 -18.59 -2.35
C GLN A 252 -24.71 -18.33 -3.78
N GLU A 253 -24.05 -19.28 -4.42
CA GLU A 253 -23.68 -19.10 -5.82
C GLU A 253 -24.90 -18.93 -6.67
N GLU A 254 -25.91 -19.75 -6.47
CA GLU A 254 -27.08 -19.79 -7.32
C GLU A 254 -27.80 -18.48 -7.34
N LEU A 255 -27.74 -17.80 -6.22
CA LEU A 255 -28.39 -16.57 -6.01
C LEU A 255 -27.80 -15.50 -6.89
N ARG A 256 -26.52 -15.55 -7.19
CA ARG A 256 -25.91 -14.66 -8.19
C ARG A 256 -26.12 -15.01 -9.67
N SER A 257 -26.31 -16.28 -9.92
CA SER A 257 -26.56 -16.80 -11.24
C SER A 257 -27.90 -16.29 -11.56
N ASN A 258 -28.67 -16.02 -10.54
CA ASN A 258 -30.05 -15.62 -10.78
C ASN A 258 -30.17 -14.15 -11.06
N LEU A 259 -29.08 -13.43 -10.87
CA LEU A 259 -29.13 -11.99 -10.90
C LEU A 259 -29.45 -11.28 -12.19
N LEU A 260 -28.76 -11.63 -13.26
CA LEU A 260 -28.98 -10.94 -14.51
C LEU A 260 -30.30 -11.36 -15.10
N GLY A 261 -30.67 -12.62 -14.85
CA GLY A 261 -31.96 -13.15 -15.24
C GLY A 261 -33.11 -12.45 -14.53
N ALA A 262 -33.09 -12.50 -13.21
CA ALA A 262 -34.18 -11.92 -12.42
C ALA A 262 -34.35 -10.42 -12.64
N GLY A 263 -33.44 -9.83 -13.43
CA GLY A 263 -33.54 -8.46 -13.84
C GLY A 263 -32.66 -7.51 -13.07
N TYR A 264 -31.59 -8.03 -12.45
CA TYR A 264 -30.80 -7.22 -11.53
C TYR A 264 -29.31 -7.30 -11.78
N VAL A 265 -28.56 -6.40 -11.15
CA VAL A 265 -27.11 -6.34 -11.31
C VAL A 265 -26.44 -6.53 -9.97
N ALA A 266 -27.20 -6.16 -8.94
CA ALA A 266 -26.80 -6.34 -7.55
C ALA A 266 -28.01 -6.69 -6.72
N PHE A 267 -27.81 -7.56 -5.74
CA PHE A 267 -28.84 -7.89 -4.76
C PHE A 267 -28.26 -7.91 -3.37
N VAL A 268 -28.87 -7.17 -2.45
CA VAL A 268 -28.38 -7.12 -1.08
C VAL A 268 -29.39 -7.68 -0.11
N ALA A 269 -29.07 -8.79 0.54
CA ALA A 269 -30.05 -9.47 1.38
C ALA A 269 -30.37 -8.66 2.63
N ASN A 270 -31.65 -8.59 2.98
CA ASN A 270 -32.07 -8.02 4.26
C ASN A 270 -31.42 -8.80 5.39
N GLY A 271 -31.11 -8.11 6.49
CA GLY A 271 -30.49 -8.76 7.63
C GLY A 271 -29.00 -8.95 7.49
N ALA A 272 -28.43 -8.48 6.39
CA ALA A 272 -27.00 -8.64 6.17
C ALA A 272 -26.24 -7.74 7.11
N ILE A 273 -25.08 -8.20 7.57
CA ILE A 273 -24.21 -7.38 8.39
C ILE A 273 -23.05 -6.95 7.51
N LEU A 274 -23.18 -5.80 6.89
CA LEU A 274 -22.18 -5.33 5.96
C LEU A 274 -20.86 -4.96 6.57
N PRO A 275 -20.91 -4.21 7.76
CA PRO A 275 -19.64 -3.66 8.19
C PRO A 275 -18.72 -4.59 8.87
N ARG A 276 -17.43 -4.33 8.84
CA ARG A 276 -16.47 -5.25 9.44
C ARG A 276 -16.04 -4.83 10.86
N ASP A 277 -15.41 -5.76 11.58
CA ASP A 277 -15.03 -5.57 12.96
C ASP A 277 -14.06 -4.41 13.15
N ALA A 278 -13.20 -4.19 12.17
CA ALA A 278 -12.18 -3.15 12.28
C ALA A 278 -11.58 -2.80 10.94
N GLY A 279 -11.09 -1.59 10.81
CA GLY A 279 -10.47 -1.13 9.57
C GLY A 279 -9.37 -2.00 9.02
N ASN A 280 -8.90 -2.95 9.81
CA ASN A 280 -7.89 -3.87 9.31
C ASN A 280 -8.38 -5.29 9.40
N SER A 281 -9.68 -5.45 9.56
CA SER A 281 -10.27 -6.78 9.76
C SER A 281 -11.42 -7.06 8.80
N ASP A 282 -11.57 -8.34 8.46
CA ASP A 282 -12.54 -8.75 7.47
C ASP A 282 -13.73 -9.44 8.11
N LYS A 283 -13.63 -9.68 9.42
CA LYS A 283 -14.68 -10.37 10.15
C LYS A 283 -15.82 -9.39 10.39
N PRO A 284 -17.05 -9.88 10.57
CA PRO A 284 -18.17 -8.95 10.63
C PRO A 284 -18.15 -8.12 11.88
N LEU A 285 -18.95 -7.06 11.92
CA LEU A 285 -19.05 -6.24 13.13
C LEU A 285 -19.81 -6.94 14.26
N ARG A 286 -19.08 -7.53 15.18
CA ARG A 286 -19.66 -8.13 16.37
C ARG A 286 -20.62 -7.20 17.10
N ASP A 287 -20.10 -6.07 17.52
CA ASP A 287 -20.81 -5.16 18.41
C ASP A 287 -21.66 -4.11 17.70
N ASN A 288 -22.96 -4.22 17.90
CA ASN A 288 -23.90 -3.14 17.62
C ASN A 288 -24.00 -2.83 16.15
N ALA A 289 -23.76 -3.84 15.33
CA ALA A 289 -24.02 -3.74 13.92
C ALA A 289 -25.48 -3.42 13.75
N VAL A 290 -25.82 -2.70 12.69
CA VAL A 290 -27.21 -2.48 12.33
C VAL A 290 -27.52 -3.20 11.03
N PRO A 291 -28.40 -4.20 11.10
CA PRO A 291 -28.76 -5.11 10.00
C PRO A 291 -29.24 -4.37 8.77
N PHE A 292 -28.85 -4.84 7.59
CA PHE A 292 -29.29 -4.20 6.37
C PHE A 292 -30.80 -4.32 6.23
N GLN A 293 -31.45 -3.25 5.79
CA GLN A 293 -32.84 -3.36 5.38
C GLN A 293 -33.09 -2.64 4.06
N SER A 294 -33.65 -3.38 3.10
CA SER A 294 -34.00 -2.83 1.80
C SER A 294 -35.23 -1.93 1.90
N PRO A 295 -35.20 -0.81 1.22
CA PRO A 295 -36.37 0.01 1.09
C PRO A 295 -37.38 -0.77 0.31
N LYS A 296 -38.66 -0.55 0.54
CA LYS A 296 -39.65 -1.36 -0.09
C LYS A 296 -39.59 -1.27 -1.58
N SER A 297 -39.42 -0.07 -2.06
CA SER A 297 -39.57 0.20 -3.47
C SER A 297 -38.56 -0.56 -4.27
N LEU A 298 -37.50 -0.97 -3.61
CA LEU A 298 -36.42 -1.68 -4.24
C LEU A 298 -36.41 -3.09 -3.75
N GLU A 299 -37.49 -3.55 -3.13
CA GLU A 299 -37.41 -4.83 -2.44
C GLU A 299 -37.81 -5.96 -3.37
N CYS A 300 -37.18 -7.11 -3.17
CA CYS A 300 -37.47 -8.28 -3.98
C CYS A 300 -37.04 -9.55 -3.26
N SER A 301 -37.50 -10.69 -3.76
CA SER A 301 -37.23 -11.95 -3.09
C SER A 301 -36.85 -13.08 -4.05
N PHE A 302 -36.15 -14.08 -3.51
CA PHE A 302 -35.66 -15.22 -4.27
C PHE A 302 -35.94 -16.49 -3.48
N THR A 303 -35.69 -17.63 -4.11
CA THR A 303 -35.83 -18.91 -3.44
C THR A 303 -34.57 -19.73 -3.63
N LEU A 304 -33.97 -20.14 -2.52
CA LEU A 304 -32.72 -20.88 -2.60
C LEU A 304 -33.03 -22.37 -2.70
N PRO A 305 -32.52 -23.01 -3.76
CA PRO A 305 -32.84 -24.40 -4.13
C PRO A 305 -32.46 -25.41 -3.07
N HIS A 306 -31.30 -25.22 -2.47
CA HIS A 306 -30.67 -26.26 -1.69
C HIS A 306 -31.07 -26.20 -0.23
N SER A 307 -31.33 -25.01 0.27
CA SER A 307 -31.83 -24.86 1.63
C SER A 307 -33.36 -24.83 1.66
N GLY A 308 -33.98 -24.48 0.54
CA GLY A 308 -35.42 -24.25 0.55
C GLY A 308 -35.76 -22.86 1.07
N LYS A 309 -34.79 -22.24 1.69
CA LYS A 309 -34.96 -20.95 2.29
C LYS A 309 -35.39 -19.90 1.32
N THR A 310 -36.37 -19.09 1.70
CA THR A 310 -36.73 -17.95 0.89
C THR A 310 -36.25 -16.60 1.40
N ILE A 311 -35.47 -15.87 0.60
CA ILE A 311 -34.79 -14.70 1.11
C ILE A 311 -35.17 -13.41 0.41
N THR A 312 -35.03 -12.32 1.11
CA THR A 312 -35.48 -11.01 0.64
C THR A 312 -34.43 -9.88 0.79
N GLY A 313 -34.49 -8.88 -0.09
CA GLY A 313 -33.56 -7.79 0.00
C GLY A 313 -33.73 -6.70 -1.03
N MET A 314 -32.62 -6.05 -1.34
CA MET A 314 -32.60 -4.92 -2.23
C MET A 314 -32.16 -5.32 -3.63
N GLY A 315 -33.04 -5.10 -4.60
CA GLY A 315 -32.74 -5.41 -5.97
C GLY A 315 -32.31 -4.16 -6.69
N LEU A 316 -31.23 -4.26 -7.46
CA LEU A 316 -30.78 -3.13 -8.25
C LEU A 316 -30.84 -3.43 -9.74
N PRO A 317 -31.57 -2.60 -10.49
CA PRO A 317 -31.84 -2.82 -11.90
C PRO A 317 -30.63 -2.58 -12.76
N PRO A 318 -30.70 -2.91 -14.04
CA PRO A 318 -29.60 -2.43 -14.89
C PRO A 318 -29.76 -0.93 -15.10
N GLY A 319 -28.66 -0.24 -15.36
CA GLY A 319 -28.69 1.21 -15.42
C GLY A 319 -27.86 1.77 -14.30
N LEU A 320 -28.11 3.03 -13.94
CA LEU A 320 -27.25 3.73 -13.00
C LEU A 320 -27.87 3.90 -11.61
N THR A 321 -27.24 3.31 -10.60
CA THR A 321 -27.66 3.49 -9.22
C THR A 321 -26.72 4.44 -8.48
N LEU A 322 -27.29 5.53 -7.98
CA LEU A 322 -26.53 6.52 -7.22
C LEU A 322 -26.68 6.31 -5.72
N ILE A 323 -25.55 6.22 -5.01
CA ILE A 323 -25.60 6.14 -3.56
C ILE A 323 -25.20 7.49 -2.97
N ALA A 324 -26.16 8.19 -2.38
CA ALA A 324 -25.94 9.57 -1.94
C ALA A 324 -26.02 9.68 -0.43
N GLY A 325 -25.47 10.70 0.17
CA GLY A 325 -25.44 10.69 1.61
C GLY A 325 -24.54 11.75 2.10
N GLY A 326 -24.31 11.83 3.39
CA GLY A 326 -23.63 12.96 3.94
C GLY A 326 -22.33 12.52 4.44
N GLY A 327 -22.28 12.07 5.66
CA GLY A 327 -21.07 11.51 6.17
C GLY A 327 -21.26 10.55 7.29
N PHE A 328 -20.46 9.53 7.29
CA PHE A 328 -20.47 8.48 8.25
C PHE A 328 -21.74 7.66 8.24
N HIS A 329 -22.40 7.61 7.12
CA HIS A 329 -23.64 6.89 7.00
C HIS A 329 -23.56 5.48 6.46
N GLY A 330 -22.39 4.99 6.11
CA GLY A 330 -22.26 3.63 5.58
C GLY A 330 -22.17 3.31 4.11
N LYS A 331 -22.05 4.31 3.27
CA LYS A 331 -21.93 4.10 1.85
C LYS A 331 -20.73 3.25 1.45
N SER A 332 -19.55 3.61 1.94
CA SER A 332 -18.36 2.86 1.57
C SER A 332 -18.50 1.43 2.06
N THR A 333 -19.27 1.28 3.14
CA THR A 333 -19.55 -0.03 3.73
C THR A 333 -20.34 -0.93 2.76
N LEU A 334 -21.48 -0.40 2.34
CA LEU A 334 -22.31 -1.04 1.33
C LEU A 334 -21.52 -1.34 0.07
N LEU A 335 -20.84 -0.34 -0.46
CA LEU A 335 -20.12 -0.52 -1.69
C LEU A 335 -19.07 -1.61 -1.56
N ARG A 336 -18.33 -1.63 -0.46
CA ARG A 336 -17.31 -2.65 -0.30
C ARG A 336 -17.96 -4.01 -0.28
N ALA A 337 -19.13 -4.08 0.32
CA ALA A 337 -19.90 -5.32 0.28
C ALA A 337 -20.16 -5.70 -1.18
N LEU A 338 -20.54 -4.72 -1.98
CA LEU A 338 -20.83 -4.99 -3.37
C LEU A 338 -19.57 -5.44 -4.14
N GLU A 339 -18.41 -4.85 -3.86
CA GLU A 339 -17.16 -5.31 -4.48
C GLU A 339 -16.89 -6.76 -4.15
N VAL A 340 -17.09 -7.16 -2.89
CA VAL A 340 -16.88 -8.57 -2.58
C VAL A 340 -18.03 -9.40 -3.15
N GLY A 341 -19.09 -8.72 -3.58
CA GLY A 341 -20.28 -9.38 -4.13
C GLY A 341 -20.04 -10.44 -5.18
N ILE A 342 -18.84 -10.46 -5.72
CA ILE A 342 -18.42 -11.50 -6.63
C ILE A 342 -17.89 -12.72 -5.89
N TYR A 343 -18.19 -12.84 -4.61
CA TYR A 343 -17.68 -13.96 -3.82
C TYR A 343 -18.71 -14.63 -2.92
N ASN A 344 -18.42 -15.81 -2.45
CA ASN A 344 -19.30 -16.34 -1.48
C ASN A 344 -18.53 -16.42 -0.24
N HIS A 345 -19.17 -16.05 0.86
CA HIS A 345 -18.56 -16.03 2.13
C HIS A 345 -18.93 -16.98 3.18
N VAL A 346 -18.06 -17.30 4.12
CA VAL A 346 -18.33 -18.34 5.06
C VAL A 346 -19.50 -17.75 5.80
N PRO A 347 -20.43 -18.62 6.12
CA PRO A 347 -21.74 -18.24 6.69
C PRO A 347 -21.74 -17.17 7.80
N ASP A 348 -20.65 -16.95 8.51
CA ASP A 348 -20.55 -15.86 9.44
C ASP A 348 -20.61 -14.54 8.74
N ASP A 349 -19.92 -14.46 7.64
CA ASP A 349 -19.30 -13.23 7.19
C ASP A 349 -20.30 -12.11 7.30
N GLY A 350 -21.53 -12.38 6.98
CA GLY A 350 -22.60 -11.46 7.22
C GLY A 350 -22.91 -10.62 6.04
N ARG A 351 -22.02 -10.61 5.09
CA ARG A 351 -22.28 -10.12 3.74
C ARG A 351 -22.87 -11.26 2.93
N THR A 352 -23.06 -12.41 3.56
CA THR A 352 -23.59 -13.56 2.84
C THR A 352 -24.96 -13.18 2.27
N TYR A 353 -25.18 -13.56 1.02
CA TYR A 353 -26.34 -13.18 0.23
C TYR A 353 -26.35 -11.69 -0.10
N VAL A 354 -25.16 -11.10 -0.18
CA VAL A 354 -25.03 -9.89 -1.00
C VAL A 354 -24.26 -10.35 -2.23
N VAL A 355 -24.84 -10.11 -3.38
CA VAL A 355 -24.29 -10.63 -4.60
C VAL A 355 -24.28 -9.56 -5.65
N VAL A 356 -23.31 -9.61 -6.53
CA VAL A 356 -23.30 -8.71 -7.66
C VAL A 356 -22.99 -9.49 -8.92
N ASP A 357 -23.12 -8.86 -10.06
CA ASP A 357 -22.65 -9.39 -11.32
C ASP A 357 -21.27 -9.98 -11.12
N PRO A 358 -21.03 -11.20 -11.48
CA PRO A 358 -19.74 -11.80 -11.14
C PRO A 358 -18.57 -11.22 -11.93
N THR A 359 -18.85 -10.22 -12.76
CA THR A 359 -17.83 -9.57 -13.58
C THR A 359 -17.50 -8.16 -13.08
N ALA A 360 -18.22 -7.74 -12.04
CA ALA A 360 -18.19 -6.37 -11.56
C ALA A 360 -16.80 -5.93 -11.12
N VAL A 361 -16.49 -4.66 -11.32
CA VAL A 361 -15.17 -4.18 -11.00
C VAL A 361 -15.22 -2.87 -10.24
N LYS A 362 -14.45 -2.82 -9.17
CA LYS A 362 -14.18 -1.60 -8.41
C LYS A 362 -13.20 -0.70 -9.17
N ILE A 363 -13.73 0.40 -9.71
CA ILE A 363 -12.96 1.33 -10.55
C ILE A 363 -12.46 2.50 -9.74
N ARG A 364 -11.15 2.74 -9.80
CA ARG A 364 -10.56 3.82 -9.03
C ARG A 364 -9.46 4.52 -9.78
N ALA A 365 -9.14 5.73 -9.39
CA ALA A 365 -8.01 6.44 -9.92
C ALA A 365 -6.76 5.87 -9.33
N GLU A 366 -5.85 5.40 -10.16
CA GLU A 366 -4.68 4.73 -9.70
C GLU A 366 -3.60 5.42 -10.41
N ASP A 367 -2.77 6.10 -9.65
CA ASP A 367 -1.89 7.11 -10.13
C ASP A 367 -0.57 6.54 -10.23
N ARG A 368 0.10 6.91 -11.29
CA ARG A 368 1.43 6.48 -11.57
C ARG A 368 1.46 5.03 -11.99
N ARG A 369 0.28 4.49 -12.26
CA ARG A 369 0.16 3.16 -12.79
C ARG A 369 0.68 3.34 -14.16
N SER A 370 1.25 2.30 -14.73
CA SER A 370 1.68 2.32 -16.12
C SER A 370 0.57 1.82 -17.02
N VAL A 371 0.42 2.44 -18.19
CA VAL A 371 -0.57 1.99 -19.17
C VAL A 371 0.08 1.71 -20.50
N HIS A 372 -0.41 0.71 -21.22
CA HIS A 372 0.09 0.43 -22.57
C HIS A 372 -0.92 -0.21 -23.53
N GLY A 373 -1.50 0.62 -24.38
CA GLY A 373 -2.36 0.09 -25.42
C GLY A 373 -3.83 0.27 -25.16
N VAL A 374 -4.14 1.07 -24.15
CA VAL A 374 -5.53 1.27 -23.81
C VAL A 374 -6.08 2.45 -24.58
N ASP A 375 -7.24 2.27 -25.18
CA ASP A 375 -7.96 3.33 -25.85
C ASP A 375 -8.81 4.08 -24.81
N ILE A 376 -8.23 5.09 -24.18
CA ILE A 376 -8.95 5.83 -23.15
C ILE A 376 -9.78 6.92 -23.79
N SER A 377 -9.82 6.89 -25.13
CA SER A 377 -10.46 7.91 -25.96
C SER A 377 -11.86 8.41 -25.60
N PRO A 378 -12.74 7.53 -25.07
CA PRO A 378 -14.10 8.04 -24.85
C PRO A 378 -14.17 9.11 -23.78
N PHE A 379 -13.34 8.98 -22.75
CA PHE A 379 -13.39 9.94 -21.67
C PHE A 379 -12.41 11.09 -21.90
N ILE A 380 -11.20 10.76 -22.28
CA ILE A 380 -10.15 11.73 -22.47
C ILE A 380 -9.76 11.93 -23.93
N ASN A 381 -10.35 12.90 -24.60
CA ASN A 381 -10.09 13.07 -26.01
C ASN A 381 -8.86 13.90 -26.40
N ASN A 382 -8.11 14.38 -25.42
CA ASN A 382 -6.95 15.18 -25.72
C ASN A 382 -5.88 15.03 -24.72
N LEU A 383 -4.67 15.28 -25.17
CA LEU A 383 -3.50 15.22 -24.31
C LEU A 383 -2.58 16.31 -24.73
N PRO A 384 -1.43 16.35 -24.11
CA PRO A 384 -0.41 17.31 -24.44
C PRO A 384 0.52 16.74 -25.46
N PHE A 385 0.81 17.49 -26.52
CA PHE A 385 1.77 17.07 -27.53
C PHE A 385 1.35 16.00 -28.52
N GLY A 386 0.07 15.94 -28.82
CA GLY A 386 -0.37 15.12 -29.90
C GLY A 386 -0.13 13.72 -29.48
N LYS A 387 0.04 13.54 -28.20
CA LYS A 387 0.06 12.20 -27.64
C LYS A 387 -1.29 11.57 -27.88
N THR A 388 -1.26 10.29 -28.23
CA THR A 388 -2.46 9.59 -28.64
C THR A 388 -3.29 9.11 -27.48
N THR A 389 -4.52 9.56 -27.43
CA THR A 389 -5.47 9.00 -26.48
C THR A 389 -5.83 7.61 -26.97
N ASN A 390 -6.03 7.47 -28.27
CA ASN A 390 -6.53 6.23 -28.86
C ASN A 390 -5.64 5.01 -28.67
N PHE A 391 -4.34 5.22 -28.45
CA PHE A 391 -3.45 4.16 -27.99
C PHE A 391 -2.53 4.73 -26.89
N PHE A 392 -3.02 4.73 -25.65
CA PHE A 392 -2.38 5.44 -24.56
C PHE A 392 -1.27 4.64 -23.90
N VAL A 393 -0.20 5.34 -23.51
CA VAL A 393 0.97 4.74 -22.87
C VAL A 393 1.66 5.71 -21.90
N THR A 394 1.86 5.28 -20.65
CA THR A 394 2.66 6.05 -19.67
C THR A 394 3.33 5.14 -18.67
N ALA A 395 4.48 5.50 -18.21
CA ALA A 395 5.03 4.85 -17.08
C ALA A 395 4.72 5.57 -15.79
N ASP A 396 4.07 6.71 -15.87
CA ASP A 396 3.65 7.45 -14.71
C ASP A 396 2.38 8.18 -15.06
N ALA A 397 1.30 7.96 -14.34
CA ALA A 397 -0.01 8.33 -14.81
C ALA A 397 -0.86 9.16 -13.88
N SER A 398 -1.81 9.88 -14.44
CA SER A 398 -2.73 10.76 -13.77
C SER A 398 -3.93 10.13 -13.13
N GLY A 399 -4.61 10.88 -12.30
CA GLY A 399 -5.78 10.38 -11.65
C GLY A 399 -6.87 10.14 -12.63
N SER A 400 -7.21 11.07 -13.50
CA SER A 400 -8.23 10.77 -14.48
C SER A 400 -7.71 9.83 -15.56
N THR A 401 -6.47 10.02 -15.93
CA THR A 401 -5.82 9.24 -16.96
C THR A 401 -5.71 7.77 -16.59
N SER A 402 -5.31 7.51 -15.35
CA SER A 402 -5.28 6.19 -14.79
C SER A 402 -6.64 5.61 -14.62
N GLN A 403 -7.58 6.41 -14.23
CA GLN A 403 -8.91 5.90 -13.90
C GLN A 403 -9.59 5.46 -15.15
N ALA A 404 -9.53 6.28 -16.19
CA ALA A 404 -10.11 5.91 -17.49
C ALA A 404 -9.38 4.70 -18.04
N ALA A 405 -8.12 4.57 -17.75
CA ALA A 405 -7.42 3.41 -18.22
C ALA A 405 -8.07 2.24 -17.61
N ASN A 406 -8.42 2.38 -16.37
CA ASN A 406 -9.04 1.33 -15.64
C ASN A 406 -10.39 0.97 -16.19
N ILE A 407 -11.17 1.95 -16.60
CA ILE A 407 -12.50 1.69 -17.12
C ILE A 407 -12.44 0.89 -18.35
N MET A 408 -11.55 1.19 -19.25
CA MET A 408 -11.43 0.40 -20.44
C MET A 408 -10.71 -0.91 -20.20
N GLU A 409 -9.63 -0.88 -19.41
CA GLU A 409 -8.91 -2.11 -19.05
C GLU A 409 -9.95 -3.14 -18.65
N ALA A 410 -10.90 -2.68 -17.83
CA ALA A 410 -11.93 -3.55 -17.30
C ALA A 410 -12.95 -3.92 -18.34
N LEU A 411 -13.27 -2.98 -19.24
CA LEU A 411 -14.27 -3.23 -20.26
C LEU A 411 -13.79 -4.28 -21.25
N GLU A 412 -12.56 -4.15 -21.65
CA GLU A 412 -11.97 -5.09 -22.56
C GLU A 412 -11.91 -6.48 -21.99
N LEU A 413 -11.86 -6.59 -20.69
CA LEU A 413 -11.88 -7.88 -20.03
C LEU A 413 -13.30 -8.25 -19.71
N GLY A 414 -14.21 -7.39 -20.11
CA GLY A 414 -15.62 -7.71 -20.06
C GLY A 414 -16.39 -7.51 -18.77
N SER A 415 -16.15 -6.44 -18.06
CA SER A 415 -16.96 -6.11 -16.92
C SER A 415 -18.40 -5.80 -17.27
N GLN A 416 -19.34 -6.27 -16.49
CA GLN A 416 -20.69 -5.81 -16.56
C GLN A 416 -21.29 -4.70 -15.64
N LEU A 417 -20.62 -4.52 -14.54
CA LEU A 417 -20.98 -3.50 -13.57
C LEU A 417 -19.75 -2.78 -13.02
N LEU A 418 -19.70 -1.48 -13.14
CA LEU A 418 -18.58 -0.68 -12.66
C LEU A 418 -18.89 -0.11 -11.28
N LEU A 419 -18.01 -0.33 -10.32
CA LEU A 419 -18.25 0.16 -8.99
C LEU A 419 -17.41 1.33 -8.53
N LEU A 420 -18.04 2.47 -8.35
CA LEU A 420 -17.35 3.67 -7.96
C LEU A 420 -17.50 4.41 -6.65
N ASP A 421 -16.40 4.68 -5.96
CA ASP A 421 -16.45 5.49 -4.76
C ASP A 421 -15.95 6.83 -5.13
N GLU A 422 -16.86 7.74 -5.29
CA GLU A 422 -16.52 9.02 -5.86
C GLU A 422 -15.28 9.58 -5.23
N ASP A 423 -14.94 9.06 -4.07
CA ASP A 423 -13.80 9.55 -3.34
C ASP A 423 -12.52 9.08 -3.95
N THR A 424 -12.39 7.79 -4.21
CA THR A 424 -11.18 7.25 -4.85
C THR A 424 -11.24 7.37 -6.34
N CYS A 425 -12.21 8.11 -6.83
CA CYS A 425 -12.30 8.39 -8.25
C CYS A 425 -11.68 9.75 -8.55
N ALA A 426 -11.08 9.89 -9.72
CA ALA A 426 -10.55 11.17 -10.13
C ALA A 426 -11.69 12.08 -10.54
N THR A 427 -11.94 13.10 -9.73
CA THR A 427 -13.09 13.99 -9.90
C THR A 427 -13.28 14.55 -11.31
N ASN A 428 -12.19 14.92 -11.99
CA ASN A 428 -12.29 15.47 -13.34
C ASN A 428 -13.07 14.57 -14.27
N LEU A 429 -12.86 13.27 -14.12
CA LEU A 429 -13.56 12.26 -14.91
C LEU A 429 -15.05 12.22 -14.59
N MET A 430 -15.45 12.82 -13.48
CA MET A 430 -16.81 12.70 -13.03
C MET A 430 -17.80 13.80 -13.37
N TYR A 431 -17.43 15.05 -13.21
CA TYR A 431 -18.34 16.14 -13.57
C TYR A 431 -17.52 17.37 -13.87
N ARG A 432 -18.15 18.36 -14.47
CA ARG A 432 -17.44 19.59 -14.70
C ARG A 432 -18.27 20.73 -14.23
N ASP A 433 -17.66 21.62 -13.46
CA ASP A 433 -18.31 22.75 -12.83
C ASP A 433 -18.62 23.74 -13.88
N ALA A 434 -19.63 24.56 -13.67
CA ALA A 434 -19.91 25.69 -14.55
C ALA A 434 -18.70 26.62 -14.55
N LEU A 435 -18.30 27.02 -13.36
CA LEU A 435 -17.22 27.98 -13.17
C LEU A 435 -15.92 27.53 -13.82
N MET A 436 -15.58 26.26 -13.68
CA MET A 436 -14.37 25.73 -14.28
C MET A 436 -14.44 25.81 -15.80
N GLN A 437 -15.57 25.35 -16.35
CA GLN A 437 -15.77 25.32 -17.79
C GLN A 437 -15.69 26.73 -18.41
N MET A 438 -16.29 27.71 -17.77
CA MET A 438 -16.15 29.10 -18.21
C MET A 438 -14.79 29.70 -17.97
N LEU A 439 -14.16 29.40 -16.86
CA LEU A 439 -12.92 30.11 -16.61
C LEU A 439 -12.05 29.72 -17.75
N VAL A 440 -12.01 28.42 -18.02
CA VAL A 440 -11.34 27.91 -19.19
C VAL A 440 -12.29 27.01 -19.97
N PRO A 441 -12.40 27.33 -21.32
CA PRO A 441 -13.39 26.50 -22.06
C PRO A 441 -12.91 25.07 -22.36
N ARG A 442 -13.89 24.21 -22.62
CA ARG A 442 -13.72 22.76 -22.81
C ARG A 442 -13.16 22.31 -24.18
N ALA A 443 -13.22 23.22 -25.13
CA ALA A 443 -12.70 22.95 -26.43
C ALA A 443 -11.21 22.77 -26.28
N GLU A 445 -10.00 21.66 -21.97
CA GLU A 445 -10.70 20.55 -21.39
C GLU A 445 -10.66 19.41 -22.32
N PRO A 446 -9.57 18.68 -22.28
CA PRO A 446 -9.63 17.35 -22.91
C PRO A 446 -10.84 16.53 -22.50
N ILE A 447 -10.98 16.34 -21.19
CA ILE A 447 -11.86 15.34 -20.61
C ILE A 447 -13.33 15.50 -20.93
N THR A 448 -13.96 14.38 -21.29
CA THR A 448 -15.40 14.27 -21.37
C THR A 448 -15.87 13.37 -20.23
N PRO A 449 -16.55 13.96 -19.24
CA PRO A 449 -16.87 13.27 -17.99
C PRO A 449 -17.76 12.01 -18.15
N PHE A 450 -17.76 11.20 -17.10
CA PHE A 450 -18.47 9.93 -17.04
C PHE A 450 -19.97 10.09 -17.20
N VAL A 451 -20.50 11.20 -16.70
CA VAL A 451 -21.93 11.47 -16.74
C VAL A 451 -22.48 11.38 -18.17
N GLU A 452 -21.61 11.67 -19.13
CA GLU A 452 -21.98 11.69 -20.53
C GLU A 452 -21.87 10.30 -21.15
N ARG A 453 -20.85 9.56 -20.76
CA ARG A 453 -20.67 8.20 -21.24
C ARG A 453 -21.52 7.17 -20.50
N VAL A 454 -22.30 7.60 -19.52
CA VAL A 454 -22.92 6.62 -18.66
C VAL A 454 -24.19 6.10 -19.34
N ALA A 455 -25.03 6.96 -19.83
CA ALA A 455 -26.22 6.48 -20.45
C ALA A 455 -25.81 5.61 -21.60
N ASP A 456 -24.82 6.08 -22.30
CA ASP A 456 -24.38 5.45 -23.49
C ASP A 456 -23.94 4.07 -23.15
N LEU A 457 -23.16 3.92 -22.11
CA LEU A 457 -22.60 2.63 -21.77
C LEU A 457 -23.68 1.71 -21.36
N SER A 458 -24.63 2.19 -20.59
CA SER A 458 -25.76 1.36 -20.17
C SER A 458 -26.64 0.93 -21.34
N GLN A 459 -27.31 1.91 -21.93
CA GLN A 459 -28.23 1.71 -23.03
C GLN A 459 -27.64 0.90 -24.18
N ASN A 460 -26.45 1.29 -24.64
CA ASN A 460 -25.89 0.66 -25.83
C ASN A 460 -25.01 -0.56 -25.58
N HIS A 461 -24.58 -0.78 -24.34
CA HIS A 461 -23.67 -1.90 -24.12
C HIS A 461 -23.95 -2.73 -22.89
N GLY A 462 -25.07 -2.47 -22.21
CA GLY A 462 -25.44 -3.27 -21.07
C GLY A 462 -24.38 -3.32 -19.98
N VAL A 463 -23.70 -2.20 -19.77
CA VAL A 463 -22.74 -2.06 -18.69
C VAL A 463 -23.27 -1.01 -17.74
N SER A 464 -23.52 -1.42 -16.50
CA SER A 464 -24.18 -0.58 -15.51
C SER A 464 -23.21 -0.06 -14.45
N SER A 465 -23.66 0.91 -13.67
CA SER A 465 -22.81 1.52 -12.66
C SER A 465 -23.54 1.84 -11.37
N ILE A 466 -23.02 1.32 -10.28
CA ILE A 466 -23.43 1.76 -8.94
C ILE A 466 -22.33 2.64 -8.38
N MET A 467 -22.64 3.86 -7.96
CA MET A 467 -21.57 4.66 -7.38
C MET A 467 -21.94 5.56 -6.20
N VAL A 468 -21.09 5.50 -5.19
CA VAL A 468 -21.16 6.39 -4.06
C VAL A 468 -20.80 7.77 -4.50
N ILE A 469 -21.73 8.70 -4.42
CA ILE A 469 -21.41 10.09 -4.67
C ILE A 469 -21.43 10.87 -3.39
N GLY A 470 -20.40 11.65 -3.13
CA GLY A 470 -20.44 12.59 -2.05
C GLY A 470 -20.76 13.95 -2.57
N GLY A 471 -21.99 14.40 -2.40
CA GLY A 471 -22.36 15.74 -2.81
C GLY A 471 -22.23 16.30 -4.21
N SER A 472 -22.84 15.65 -5.20
CA SER A 472 -23.00 16.22 -6.53
C SER A 472 -24.21 15.63 -7.23
N GLY A 473 -25.29 16.38 -7.25
CA GLY A 473 -26.51 15.89 -7.82
C GLY A 473 -26.54 15.93 -9.31
N GLN A 474 -25.41 16.21 -9.91
CA GLN A 474 -25.38 16.35 -11.36
C GLN A 474 -25.86 15.10 -12.08
N TYR A 475 -25.57 13.94 -11.52
CA TYR A 475 -25.93 12.65 -12.12
C TYR A 475 -27.42 12.34 -12.14
N PHE A 476 -28.24 13.22 -11.56
CA PHE A 476 -29.66 12.89 -11.36
C PHE A 476 -30.46 12.60 -12.63
N PRO A 477 -30.25 13.34 -13.74
CA PRO A 477 -31.02 12.98 -14.93
C PRO A 477 -30.66 11.60 -15.46
N GLN A 478 -29.41 11.19 -15.21
CA GLN A 478 -28.92 9.92 -15.70
C GLN A 478 -29.27 8.78 -14.75
N ALA A 479 -29.58 9.12 -13.50
CA ALA A 479 -29.75 8.10 -12.45
C ALA A 479 -30.98 7.23 -12.63
N ARG A 480 -30.78 5.92 -12.64
CA ARG A 480 -31.88 4.98 -12.61
C ARG A 480 -32.53 5.07 -11.24
N VAL A 481 -31.79 4.69 -10.20
CA VAL A 481 -32.21 4.88 -8.81
C VAL A 481 -31.23 5.75 -8.03
N VAL A 482 -31.78 6.59 -7.15
CA VAL A 482 -30.95 7.37 -6.22
C VAL A 482 -31.16 6.92 -4.78
N LEU A 483 -30.14 6.29 -4.23
CA LEU A 483 -30.17 5.80 -2.86
C LEU A 483 -29.63 6.85 -1.89
N VAL A 484 -30.40 7.12 -0.84
CA VAL A 484 -29.97 8.06 0.19
C VAL A 484 -29.68 7.33 1.48
N MET A 485 -28.48 7.48 2.00
CA MET A 485 -28.13 6.75 3.20
C MET A 485 -27.95 7.66 4.41
N ASN A 486 -28.55 7.23 5.51
CA ASN A 486 -28.59 8.01 6.72
C ASN A 486 -28.49 7.12 7.95
N ALA A 487 -27.37 7.24 8.65
CA ALA A 487 -27.08 6.39 9.80
C ALA A 487 -27.37 4.94 9.49
N TYR A 488 -26.76 4.44 8.43
CA TYR A 488 -26.81 3.03 8.07
C TYR A 488 -28.20 2.60 7.62
N GLN A 489 -29.07 3.56 7.36
CA GLN A 489 -30.40 3.25 6.83
C GLN A 489 -30.61 3.85 5.45
N ILE A 490 -30.94 3.00 4.48
CA ILE A 490 -31.15 3.43 3.10
C ILE A 490 -32.57 3.91 2.88
N SER A 491 -32.73 4.77 1.90
CA SER A 491 -34.05 5.15 1.40
C SER A 491 -33.97 5.31 -0.10
N ASP A 492 -35.05 4.96 -0.78
CA ASP A 492 -35.20 5.20 -2.22
C ASP A 492 -35.70 6.62 -2.42
N CYS A 493 -34.86 7.46 -3.02
CA CYS A 493 -35.23 8.86 -3.23
C CYS A 493 -35.12 9.25 -4.69
N THR A 494 -35.21 8.27 -5.58
CA THR A 494 -35.04 8.56 -7.00
C THR A 494 -36.15 9.47 -7.52
N LYS A 495 -37.33 9.41 -6.91
CA LYS A 495 -38.41 10.27 -7.36
C LYS A 495 -38.02 11.71 -7.10
N GLU A 496 -37.93 12.05 -5.83
CA GLU A 496 -37.56 13.40 -5.40
C GLU A 496 -36.26 13.89 -6.06
N ALA A 497 -35.30 13.01 -6.21
CA ALA A 497 -34.06 13.43 -6.83
C ALA A 497 -34.19 13.85 -8.26
N LYS A 498 -34.83 13.06 -9.09
CA LYS A 498 -34.95 13.45 -10.48
C LYS A 498 -35.84 14.65 -10.64
N GLU A 499 -36.72 14.85 -9.70
CA GLU A 499 -37.51 16.05 -9.70
C GLU A 499 -36.57 17.16 -9.46
N ILE A 500 -35.65 16.98 -8.53
CA ILE A 500 -34.72 18.07 -8.26
C ILE A 500 -34.02 18.44 -9.56
N ALA A 501 -33.56 17.47 -10.30
CA ALA A 501 -32.93 17.79 -11.56
C ALA A 501 -33.89 18.47 -12.49
N SER A 502 -35.11 17.99 -12.56
CA SER A 502 -36.05 18.49 -13.55
C SER A 502 -36.20 19.96 -13.29
N ASN A 503 -36.34 20.25 -12.02
CA ASN A 503 -36.58 21.59 -11.54
C ASN A 503 -35.41 22.50 -11.83
N SER A 504 -34.20 22.00 -11.70
CA SER A 504 -33.03 22.82 -11.96
C SER A 504 -32.52 22.72 -13.40
N SER A 505 -33.20 21.88 -14.16
CA SER A 505 -32.92 21.62 -15.53
C SER A 505 -34.21 21.95 -16.27
N SER A 517 -23.31 4.86 -29.97
CA SER A 517 -22.25 4.72 -29.00
C SER A 517 -20.96 5.41 -29.29
N VAL A 518 -20.04 5.30 -28.37
CA VAL A 518 -18.66 5.77 -28.57
C VAL A 518 -17.71 4.59 -28.48
N PHE A 519 -18.12 3.59 -27.71
CA PHE A 519 -17.22 2.50 -27.35
C PHE A 519 -17.27 1.41 -28.39
N ILE A 520 -16.10 0.98 -28.85
CA ILE A 520 -16.01 -0.19 -29.71
C ILE A 520 -15.69 -1.42 -28.87
N PRO A 521 -16.58 -2.41 -28.89
CA PRO A 521 -16.36 -3.69 -28.19
C PRO A 521 -15.17 -4.45 -28.77
N ASP A 522 -15.08 -4.43 -30.09
CA ASP A 522 -13.93 -4.96 -30.78
C ASP A 522 -12.78 -3.97 -30.59
N VAL A 523 -11.96 -4.22 -29.58
CA VAL A 523 -10.76 -3.44 -29.38
C VAL A 523 -9.58 -4.29 -29.79
N ASN A 524 -8.73 -3.73 -30.64
CA ASN A 524 -7.54 -4.42 -31.08
C ASN A 524 -6.43 -4.27 -30.06
N ARG A 525 -6.16 -5.32 -29.32
CA ARG A 525 -5.05 -5.27 -28.38
C ARG A 525 -4.43 -6.64 -28.26
N CYS A 526 -3.33 -6.84 -28.97
CA CYS A 526 -2.59 -8.09 -28.86
C CYS A 526 -1.48 -7.90 -27.82
N PHE A 527 -1.04 -8.99 -27.20
CA PHE A 527 0.06 -8.91 -26.26
C PHE A 527 1.39 -9.21 -26.94
N ASP A 528 2.39 -8.39 -26.66
CA ASP A 528 3.70 -8.51 -27.28
C ASP A 528 4.68 -9.10 -26.28
N PRO A 529 4.92 -10.42 -26.34
CA PRO A 529 5.85 -11.04 -25.39
C PRO A 529 7.30 -10.64 -25.59
N ASP A 530 7.65 -10.11 -26.75
CA ASP A 530 9.03 -9.79 -27.03
C ASP A 530 9.45 -8.58 -26.20
N GLY A 531 8.85 -7.44 -26.51
CA GLY A 531 9.14 -6.21 -25.77
C GLY A 531 8.75 -6.33 -24.31
N SER A 532 7.73 -7.12 -24.04
CA SER A 532 7.28 -7.30 -22.67
C SER A 532 8.26 -8.10 -21.82
N PHE A 533 8.88 -9.15 -22.37
CA PHE A 533 9.73 -10.01 -21.55
C PHE A 533 11.22 -9.90 -21.81
N THR A 534 11.65 -8.86 -22.50
CA THR A 534 13.05 -8.71 -22.80
C THR A 534 13.99 -8.54 -21.61
N THR A 535 13.65 -7.66 -20.70
CA THR A 535 14.52 -7.38 -19.57
C THR A 535 14.12 -8.32 -18.48
N VAL A 536 14.69 -9.49 -18.51
CA VAL A 536 14.56 -10.34 -17.38
C VAL A 536 15.72 -11.28 -17.45
N ARG A 537 16.20 -11.69 -16.30
CA ARG A 537 17.32 -12.61 -16.24
C ARG A 537 16.88 -14.04 -16.03
N THR A 545 14.11 -17.32 -14.50
CA THR A 545 14.16 -16.35 -13.42
C THR A 545 13.37 -16.84 -12.23
N LYS A 546 12.66 -15.93 -11.57
CA LYS A 546 11.73 -16.30 -10.52
C LYS A 546 10.54 -15.35 -10.51
N VAL A 547 9.34 -15.91 -10.38
CA VAL A 547 8.13 -15.11 -10.20
C VAL A 547 7.46 -15.55 -8.91
N SER A 548 7.14 -14.60 -8.05
CA SER A 548 6.59 -14.91 -6.74
C SER A 548 5.68 -13.80 -6.23
N GLY A 549 4.49 -14.18 -5.77
CA GLY A 549 3.55 -13.22 -5.23
C GLY A 549 3.97 -12.75 -3.86
N ILE A 550 3.95 -11.44 -3.64
CA ILE A 550 4.34 -10.86 -2.36
C ILE A 550 3.09 -10.48 -1.58
N GLY A 551 2.80 -11.28 -0.57
CA GLY A 551 1.59 -11.13 0.22
C GLY A 551 0.37 -11.05 -0.65
N THR A 552 -0.41 -10.03 -0.45
CA THR A 552 -1.59 -9.78 -1.20
C THR A 552 -1.43 -8.57 -2.04
N GLU A 553 -0.23 -8.05 -2.11
CA GLU A 553 -0.05 -6.70 -2.54
C GLU A 553 0.75 -6.50 -3.79
N SER A 554 1.69 -7.38 -4.08
CA SER A 554 2.63 -7.11 -5.15
C SER A 554 3.13 -8.36 -5.79
N ILE A 555 3.77 -8.23 -6.95
CA ILE A 555 4.42 -9.37 -7.58
C ILE A 555 5.90 -9.12 -7.80
N ARG A 556 6.73 -10.00 -7.23
CA ARG A 556 8.13 -10.03 -7.61
C ARG A 556 8.25 -10.80 -8.91
N PHE A 557 8.33 -10.04 -10.00
CA PHE A 557 8.49 -10.62 -11.32
C PHE A 557 9.93 -10.44 -11.74
N SER A 558 10.79 -11.40 -11.41
CA SER A 558 12.24 -11.27 -11.58
C SER A 558 12.71 -10.05 -10.80
N GLU A 559 13.35 -9.09 -11.48
CA GLU A 559 13.78 -7.86 -10.81
C GLU A 559 12.61 -6.88 -10.72
N GLU A 560 11.64 -7.07 -11.60
CA GLU A 560 10.45 -6.24 -11.63
C GLU A 560 9.53 -6.44 -10.42
N THR A 561 8.62 -5.50 -10.26
CA THR A 561 7.65 -5.53 -9.17
C THR A 561 6.33 -4.91 -9.64
N ILE A 562 5.22 -5.62 -9.46
CA ILE A 562 3.92 -5.19 -9.96
C ILE A 562 2.99 -4.73 -8.85
N ASP A 563 2.33 -3.60 -9.02
CA ASP A 563 1.52 -3.06 -7.94
C ASP A 563 0.06 -3.39 -7.97
N LEU A 564 -0.30 -4.36 -7.17
CA LEU A 564 -1.64 -4.84 -7.08
C LEU A 564 -2.31 -4.21 -5.91
N SER A 565 -1.63 -3.23 -5.33
CA SER A 565 -2.08 -2.58 -4.10
C SER A 565 -3.39 -1.84 -4.23
N MET A 566 -3.82 -1.56 -5.45
CA MET A 566 -5.10 -0.90 -5.65
C MET A 566 -6.04 -1.71 -6.54
N VAL A 567 -5.71 -2.98 -6.73
CA VAL A 567 -6.64 -3.88 -7.40
C VAL A 567 -7.48 -4.51 -6.31
N GLU A 568 -8.42 -3.74 -5.81
CA GLU A 568 -9.00 -3.99 -4.48
C GLU A 568 -9.78 -5.30 -4.33
N GLN A 569 -10.04 -6.00 -5.42
CA GLN A 569 -10.85 -7.21 -5.34
C GLN A 569 -10.00 -8.46 -5.26
N ILE A 570 -8.70 -8.28 -5.10
CA ILE A 570 -7.83 -9.40 -4.75
C ILE A 570 -7.98 -9.60 -3.28
N VAL A 571 -8.37 -10.79 -2.84
CA VAL A 571 -8.62 -10.97 -1.42
C VAL A 571 -7.96 -12.20 -0.79
N GLU A 572 -6.93 -12.74 -1.42
CA GLU A 572 -6.12 -13.75 -0.76
C GLU A 572 -4.69 -13.74 -1.24
N GLU A 573 -3.80 -14.26 -0.42
CA GLU A 573 -2.42 -14.45 -0.82
C GLU A 573 -2.36 -15.49 -1.94
N GLY A 574 -3.20 -16.51 -1.83
CA GLY A 574 -3.26 -17.57 -2.82
C GLY A 574 -3.70 -17.10 -4.19
N GLN A 575 -4.48 -16.02 -4.21
CA GLN A 575 -4.90 -15.40 -5.45
C GLN A 575 -3.72 -14.76 -6.16
N VAL A 576 -2.97 -13.94 -5.44
CA VAL A 576 -1.78 -13.30 -6.00
C VAL A 576 -0.78 -14.36 -6.42
N ASN A 577 -0.72 -15.44 -5.65
CA ASN A 577 0.14 -16.55 -6.01
C ASN A 577 -0.34 -17.13 -7.32
N ALA A 578 -1.65 -17.18 -7.51
CA ALA A 578 -2.20 -17.70 -8.77
C ALA A 578 -1.74 -16.85 -9.94
N ILE A 579 -1.93 -15.55 -9.80
CA ILE A 579 -1.53 -14.62 -10.84
C ILE A 579 -0.06 -14.79 -11.17
N ALA A 580 0.75 -15.03 -10.14
CA ALA A 580 2.17 -15.26 -10.32
C ALA A 580 2.43 -16.50 -11.15
N GLN A 581 1.64 -17.55 -10.90
CA GLN A 581 1.70 -18.76 -11.74
C GLN A 581 1.45 -18.43 -13.22
N CYS A 582 0.38 -17.68 -13.48
CA CYS A 582 0.07 -17.33 -14.86
C CYS A 582 1.17 -16.51 -15.54
N LEU A 583 1.74 -15.55 -14.83
CA LEU A 583 2.83 -14.75 -15.39
C LEU A 583 4.06 -15.63 -15.68
N ALA A 584 4.39 -16.48 -14.72
CA ALA A 584 5.48 -17.44 -14.91
C ALA A 584 5.21 -18.34 -16.12
N LEU A 585 3.94 -18.55 -16.44
CA LEU A 585 3.55 -19.33 -17.63
C LEU A 585 3.76 -18.57 -18.94
N LEU A 586 3.17 -17.38 -19.06
CA LEU A 586 3.38 -16.55 -20.24
C LEU A 586 4.85 -16.36 -20.51
N TYR A 587 5.67 -16.45 -19.49
CA TYR A 587 7.06 -16.20 -19.69
C TYR A 587 7.82 -17.41 -20.11
N ASP A 588 7.68 -18.48 -19.37
CA ASP A 588 8.49 -19.63 -19.67
C ASP A 588 8.10 -20.30 -20.95
N GLY A 589 6.81 -20.43 -21.18
CA GLY A 589 6.35 -21.02 -22.41
C GLY A 589 6.12 -19.94 -23.41
N GLU A 590 7.14 -19.14 -23.65
CA GLU A 590 6.89 -17.89 -24.36
C GLU A 590 6.48 -17.97 -25.79
N PRO A 591 7.17 -18.77 -26.56
CA PRO A 591 6.89 -18.67 -28.01
C PRO A 591 5.43 -18.89 -28.37
N ARG A 592 4.94 -20.11 -28.19
CA ARG A 592 3.64 -20.50 -28.73
C ARG A 592 2.47 -20.22 -27.79
N ILE A 593 2.74 -19.78 -26.57
CA ILE A 593 1.69 -19.70 -25.54
C ILE A 593 0.76 -18.50 -25.69
N VAL A 594 1.23 -17.42 -26.29
CA VAL A 594 0.35 -16.28 -26.51
C VAL A 594 -0.75 -16.58 -27.55
N PRO A 595 -0.37 -17.04 -28.76
CA PRO A 595 -1.43 -17.24 -29.76
C PRO A 595 -2.33 -18.40 -29.35
N GLU A 596 -1.70 -19.40 -28.74
CA GLU A 596 -2.39 -20.60 -28.31
C GLU A 596 -3.43 -20.31 -27.23
N MET A 597 -3.07 -19.46 -26.27
CA MET A 597 -3.99 -19.10 -25.20
C MET A 597 -5.06 -18.18 -25.74
N THR A 598 -4.69 -17.33 -26.69
CA THR A 598 -5.66 -16.48 -27.35
C THR A 598 -6.77 -17.35 -27.96
N THR A 599 -6.37 -18.40 -28.67
CA THR A 599 -7.33 -19.34 -29.25
C THR A 599 -8.08 -20.11 -28.18
N LYS A 600 -7.32 -20.67 -27.24
CA LYS A 600 -7.83 -21.44 -26.10
C LYS A 600 -8.84 -20.66 -25.31
N GLY A 601 -8.89 -19.35 -25.54
CA GLY A 601 -9.79 -18.48 -24.80
C GLY A 601 -10.93 -17.97 -25.65
N GLY A 602 -10.70 -17.87 -26.95
CA GLY A 602 -11.78 -17.49 -27.84
C GLY A 602 -12.81 -18.60 -27.86
N ALA A 603 -12.32 -19.79 -27.65
CA ALA A 603 -13.12 -20.96 -27.66
C ALA A 603 -14.15 -20.90 -26.59
N LEU A 604 -13.88 -20.18 -25.52
CA LEU A 604 -14.77 -20.21 -24.39
C LEU A 604 -15.98 -19.35 -24.16
N THR A 605 -17.06 -20.01 -23.85
CA THR A 605 -18.30 -19.36 -23.80
C THR A 605 -18.61 -19.05 -22.35
N GLN A 606 -17.89 -19.70 -21.43
CA GLN A 606 -18.01 -19.38 -20.02
C GLN A 606 -16.69 -19.51 -19.29
N LEU A 607 -16.35 -18.57 -18.41
CA LEU A 607 -15.14 -18.69 -17.63
C LEU A 607 -15.47 -19.24 -16.26
N PRO A 608 -14.48 -19.84 -15.59
CA PRO A 608 -14.68 -20.32 -14.22
C PRO A 608 -14.70 -19.18 -13.20
N SER A 609 -15.77 -19.12 -12.42
CA SER A 609 -15.84 -18.19 -11.29
C SER A 609 -14.88 -18.72 -10.24
N PRO A 610 -14.38 -17.84 -9.36
CA PRO A 610 -13.45 -18.25 -8.29
C PRO A 610 -14.07 -19.25 -7.32
N GLY A 611 -15.38 -19.38 -7.34
CA GLY A 611 -16.07 -20.34 -6.50
C GLY A 611 -16.12 -21.73 -7.12
N GLY A 612 -15.76 -21.83 -8.39
CA GLY A 612 -15.66 -23.12 -9.06
C GLY A 612 -16.70 -23.32 -10.14
N VAL A 613 -17.81 -22.59 -10.02
CA VAL A 613 -18.89 -22.63 -11.01
C VAL A 613 -18.45 -21.97 -12.31
N CYS A 614 -18.96 -22.46 -13.44
CA CYS A 614 -18.71 -21.84 -14.73
C CYS A 614 -19.97 -21.12 -15.22
N PHE A 621 -17.77 -7.62 -26.05
CA PHE A 621 -16.47 -6.99 -25.79
C PHE A 621 -15.34 -8.03 -25.78
N ASN A 622 -14.61 -8.11 -26.87
CA ASN A 622 -13.49 -9.06 -26.92
C ASN A 622 -12.23 -8.42 -27.47
N SER A 623 -11.12 -9.09 -27.23
CA SER A 623 -9.82 -8.68 -27.74
C SER A 623 -8.88 -9.83 -27.58
N ASN A 624 -7.75 -9.78 -28.27
CA ASN A 624 -6.81 -10.88 -28.20
C ASN A 624 -6.13 -10.91 -26.83
N PHE A 625 -5.90 -9.74 -26.26
CA PHE A 625 -5.42 -9.62 -24.89
C PHE A 625 -6.34 -10.36 -23.95
N SER A 626 -7.59 -9.92 -23.94
CA SER A 626 -8.63 -10.51 -23.12
C SER A 626 -8.75 -12.00 -23.34
N SER A 627 -8.96 -12.41 -24.59
CA SER A 627 -9.15 -13.82 -24.90
C SER A 627 -7.94 -14.66 -24.48
N MET A 628 -6.76 -14.05 -24.54
CA MET A 628 -5.57 -14.73 -24.09
C MET A 628 -5.61 -14.95 -22.59
N ILE A 629 -5.92 -13.88 -21.86
CA ILE A 629 -5.97 -13.95 -20.40
C ILE A 629 -7.00 -14.99 -19.99
N ALA A 630 -8.11 -15.06 -20.72
CA ALA A 630 -9.13 -16.06 -20.47
C ALA A 630 -8.58 -17.46 -20.72
N GLY A 631 -7.76 -17.59 -21.76
CA GLY A 631 -7.07 -18.83 -22.01
C GLY A 631 -6.23 -19.26 -20.83
N CYS A 632 -5.46 -18.32 -20.29
CA CYS A 632 -4.62 -18.56 -19.13
C CYS A 632 -5.43 -19.02 -17.93
N CYS A 633 -6.51 -18.30 -17.65
CA CYS A 633 -7.35 -18.61 -16.52
C CYS A 633 -7.84 -20.03 -16.67
N SER A 634 -8.41 -20.34 -17.84
CA SER A 634 -9.00 -21.65 -18.08
C SER A 634 -8.00 -22.80 -18.03
N HIS A 635 -6.80 -22.58 -18.53
CA HIS A 635 -5.79 -23.63 -18.49
C HIS A 635 -5.33 -23.83 -17.05
N GLN A 636 -5.29 -22.75 -16.29
CA GLN A 636 -4.93 -22.82 -14.88
C GLN A 636 -5.97 -23.64 -14.12
N HIS A 637 -7.23 -23.34 -14.40
CA HIS A 637 -8.34 -24.08 -13.85
C HIS A 637 -8.20 -25.55 -14.17
N ASP A 638 -7.87 -25.84 -15.42
CA ASP A 638 -7.81 -27.21 -15.93
C ASP A 638 -6.81 -27.95 -15.10
N LYS A 639 -5.76 -27.25 -14.80
CA LYS A 639 -4.58 -27.85 -14.25
C LYS A 639 -4.57 -27.71 -12.76
N ARG A 640 -5.74 -27.45 -12.20
CA ARG A 640 -5.97 -27.64 -10.77
C ARG A 640 -5.24 -26.67 -9.89
N LEU A 641 -5.02 -25.47 -10.43
CA LEU A 641 -4.32 -24.40 -9.74
C LEU A 641 -2.91 -24.74 -9.46
N GLU A 642 -2.36 -25.61 -10.26
CA GLU A 642 -0.95 -25.88 -10.22
C GLU A 642 -0.19 -25.98 -11.53
N LEU A 643 0.11 -24.84 -12.14
CA LEU A 643 0.93 -24.81 -13.30
C LEU A 643 2.30 -24.58 -12.81
N ARG A 644 3.12 -25.62 -12.85
CA ARG A 644 4.46 -25.45 -12.42
C ARG A 644 5.29 -25.05 -13.61
N THR A 645 5.00 -23.89 -14.20
CA THR A 645 5.87 -23.37 -15.25
C THR A 645 7.12 -23.08 -14.49
N PRO A 646 8.23 -23.31 -15.13
CA PRO A 646 9.51 -23.56 -14.50
C PRO A 646 10.12 -22.46 -13.70
N SER A 647 9.71 -21.21 -13.89
CA SER A 647 10.33 -20.08 -13.29
C SER A 647 9.46 -19.60 -12.12
N CYS A 648 8.55 -20.47 -11.71
CA CYS A 648 7.70 -20.18 -10.55
C CYS A 648 8.27 -20.64 -9.22
N TYR A 649 8.48 -19.70 -8.33
CA TYR A 649 8.96 -19.97 -6.98
C TYR A 649 7.79 -20.16 -6.04
N LEU A 650 7.19 -21.33 -6.00
CA LEU A 650 6.05 -21.52 -5.13
C LEU A 650 5.88 -22.87 -4.56
N PRO A 651 5.47 -22.91 -3.32
CA PRO A 651 5.22 -24.21 -2.70
C PRO A 651 3.97 -24.85 -3.27
N ARG A 652 3.85 -26.16 -3.12
CA ARG A 652 2.70 -26.83 -3.65
C ARG A 652 1.54 -26.63 -2.70
N GLY A 653 0.50 -25.95 -3.17
CA GLY A 653 -0.75 -25.88 -2.41
C GLY A 653 -0.97 -24.57 -1.69
N PHE A 654 -0.37 -23.50 -2.22
CA PHE A 654 -0.57 -22.18 -1.64
C PHE A 654 -1.16 -21.26 -2.68
N THR A 655 -2.08 -21.80 -3.46
CA THR A 655 -2.70 -21.09 -4.57
C THR A 655 -4.21 -21.06 -4.44
N SER A 656 -4.80 -19.90 -4.74
CA SER A 656 -6.24 -19.73 -4.72
C SER A 656 -6.78 -19.17 -6.04
N ALA A 657 -7.99 -19.58 -6.42
CA ALA A 657 -8.57 -19.14 -7.68
C ALA A 657 -8.86 -17.63 -7.69
N THR A 658 -8.86 -17.05 -8.88
CA THR A 658 -9.21 -15.65 -9.09
C THR A 658 -10.04 -15.50 -10.33
N ARG A 659 -10.61 -14.35 -10.55
CA ARG A 659 -11.32 -14.10 -11.79
C ARG A 659 -10.29 -13.94 -12.85
N HIS A 660 -10.69 -14.01 -14.09
CA HIS A 660 -9.72 -13.77 -15.15
C HIS A 660 -9.36 -12.29 -15.15
N ILE A 661 -10.35 -11.44 -14.86
CA ILE A 661 -10.16 -9.99 -14.86
C ILE A 661 -8.96 -9.62 -14.00
N GLU A 662 -8.73 -10.39 -12.95
CA GLU A 662 -7.65 -10.09 -12.03
C GLU A 662 -6.29 -10.30 -12.68
N ILE A 663 -6.13 -11.39 -13.38
CA ILE A 663 -4.93 -11.68 -14.08
C ILE A 663 -4.71 -10.63 -15.13
N GLY A 664 -5.81 -10.21 -15.68
CA GLY A 664 -5.85 -9.08 -16.59
C GLY A 664 -5.20 -7.87 -15.99
N ALA A 665 -5.66 -7.48 -14.80
CA ALA A 665 -5.17 -6.25 -14.16
C ALA A 665 -3.69 -6.33 -13.82
N ALA A 666 -3.25 -7.46 -13.29
CA ALA A 666 -1.83 -7.65 -13.03
C ALA A 666 -0.97 -7.54 -14.29
N LEU A 667 -1.26 -8.29 -15.35
CA LEU A 667 -0.44 -8.17 -16.53
C LEU A 667 -0.56 -6.78 -16.96
N ASN A 668 -1.75 -6.26 -16.94
CA ASN A 668 -2.04 -4.99 -17.54
C ASN A 668 -1.20 -3.81 -17.13
N ARG A 669 -0.76 -3.83 -15.90
CA ARG A 669 0.03 -2.76 -15.32
C ARG A 669 1.55 -3.06 -15.03
N LEU A 670 1.94 -4.03 -15.83
CA LEU A 670 3.32 -4.51 -15.78
C LEU A 670 3.98 -3.27 -16.39
N ARG A 671 5.17 -2.95 -15.91
CA ARG A 671 5.84 -1.72 -16.27
C ARG A 671 6.75 -1.90 -17.43
N THR A 672 6.82 -3.11 -17.92
CA THR A 672 7.52 -3.45 -19.11
C THR A 672 6.53 -4.00 -20.11
N LEU A 673 5.29 -3.60 -20.02
CA LEU A 673 4.29 -4.12 -20.91
C LEU A 673 4.42 -3.41 -22.20
N ARG A 674 4.58 -4.21 -23.24
CA ARG A 674 4.52 -3.81 -24.64
C ARG A 674 3.35 -4.52 -25.30
N THR A 675 2.52 -3.76 -26.01
CA THR A 675 1.35 -4.34 -26.68
C THR A 675 1.09 -3.69 -28.04
N VAL A 676 0.51 -4.46 -28.96
CA VAL A 676 0.39 -4.05 -30.36
C VAL A 676 -1.05 -3.98 -30.84
N THR A 677 -1.31 -3.17 -31.86
CA THR A 677 -2.67 -3.01 -32.34
C THR A 677 -2.76 -3.03 -33.87
N SER B 64 45.85 -6.23 7.99
CA SER B 64 46.66 -7.44 7.97
C SER B 64 46.13 -8.57 8.89
N PRO B 65 46.03 -8.33 10.22
CA PRO B 65 45.82 -9.45 11.14
C PRO B 65 44.47 -10.15 11.08
N LEU B 66 43.42 -9.44 10.66
CA LEU B 66 42.08 -10.04 10.56
C LEU B 66 42.08 -11.26 9.66
N MET B 67 42.66 -11.08 8.48
CA MET B 67 42.81 -12.15 7.52
C MET B 67 43.47 -13.37 8.16
N ASP B 68 44.66 -13.18 8.70
CA ASP B 68 45.43 -14.27 9.29
C ASP B 68 44.60 -14.97 10.37
N PHE B 69 43.89 -14.17 11.15
CA PHE B 69 42.93 -14.69 12.10
C PHE B 69 41.97 -15.63 11.39
N PHE B 70 41.49 -15.21 10.23
CA PHE B 70 40.46 -15.98 9.55
C PHE B 70 41.01 -17.29 9.02
N HIS B 71 42.24 -17.26 8.49
CA HIS B 71 42.93 -18.48 8.11
C HIS B 71 42.89 -19.47 9.25
N SER B 72 43.02 -18.85 10.40
CA SER B 72 43.16 -19.41 11.72
C SER B 72 41.94 -20.14 12.19
N VAL B 73 40.84 -19.55 11.76
CA VAL B 73 39.55 -20.07 12.05
C VAL B 73 38.87 -20.51 10.78
N GLU B 74 39.62 -20.62 9.70
CA GLU B 74 38.94 -20.82 8.43
C GLU B 74 38.11 -22.06 8.47
N GLY B 75 38.65 -23.21 8.86
CA GLY B 75 37.87 -24.44 8.88
C GLY B 75 36.80 -24.62 9.94
N ARG B 76 37.23 -24.23 11.08
CA ARG B 76 36.71 -24.47 12.41
C ARG B 76 35.21 -24.09 12.47
N ASN B 77 34.47 -24.47 13.52
CA ASN B 77 33.03 -24.25 13.59
C ASN B 77 32.59 -22.81 13.79
N TYR B 78 31.35 -22.52 13.42
CA TYR B 78 30.80 -21.16 13.41
C TYR B 78 30.89 -20.45 14.75
N GLY B 79 30.85 -21.18 15.84
CA GLY B 79 30.74 -20.55 17.14
C GLY B 79 31.91 -19.63 17.28
N GLU B 80 33.01 -20.04 16.69
CA GLU B 80 34.26 -19.36 16.88
C GLU B 80 34.14 -17.86 16.63
N LEU B 81 33.25 -17.54 15.72
CA LEU B 81 32.99 -16.14 15.39
C LEU B 81 32.61 -15.17 16.50
N ARG B 82 32.06 -15.69 17.59
CA ARG B 82 31.68 -14.81 18.69
C ARG B 82 32.92 -14.21 19.36
N SER B 83 34.10 -14.63 18.93
CA SER B 83 35.33 -14.00 19.42
C SER B 83 35.53 -12.63 18.80
N LEU B 84 35.13 -12.49 17.55
CA LEU B 84 35.43 -11.29 16.79
C LEU B 84 34.85 -10.04 17.43
N THR B 85 33.66 -10.19 17.98
CA THR B 85 32.87 -9.10 18.42
C THR B 85 33.68 -8.30 19.37
N ASN B 86 33.67 -7.00 19.19
CA ASN B 86 34.28 -6.07 20.09
C ASN B 86 35.73 -6.07 19.77
N GLU B 87 36.14 -7.04 18.97
CA GLU B 87 37.53 -7.33 18.80
C GLU B 87 37.69 -6.40 17.63
N THR B 88 38.65 -5.51 17.67
CA THR B 88 38.80 -4.56 16.60
C THR B 88 40.03 -4.77 15.78
N TYR B 89 39.93 -4.82 14.46
CA TYR B 89 41.16 -4.92 13.72
C TYR B 89 41.28 -3.88 12.66
N GLN B 90 42.52 -3.60 12.31
CA GLN B 90 42.83 -2.67 11.24
C GLN B 90 43.04 -3.50 10.00
N ILE B 91 42.24 -3.24 8.97
CA ILE B 91 42.32 -3.98 7.75
C ILE B 91 43.10 -3.26 6.69
N SER B 92 43.50 -2.04 6.97
CA SER B 92 44.29 -1.29 6.01
C SER B 92 44.97 -0.15 6.68
N GLU B 93 45.85 0.53 5.94
CA GLU B 93 46.47 1.72 6.45
C GLU B 93 45.38 2.73 6.82
N ASN B 94 44.52 3.06 5.86
CA ASN B 94 43.50 4.07 6.08
C ASN B 94 42.13 3.52 6.45
N VAL B 95 42.07 2.28 6.92
CA VAL B 95 40.79 1.69 7.33
C VAL B 95 40.93 0.88 8.61
N ARG B 96 39.99 1.09 9.52
CA ARG B 96 39.92 0.36 10.76
C ARG B 96 38.54 -0.26 10.87
N CYS B 97 38.42 -1.46 11.43
CA CYS B 97 37.12 -2.11 11.53
C CYS B 97 36.75 -2.47 12.95
N THR B 98 35.57 -2.06 13.40
CA THR B 98 35.04 -2.49 14.69
C THR B 98 33.75 -3.30 14.76
N PHE B 99 33.80 -4.47 15.38
CA PHE B 99 32.68 -5.39 15.35
C PHE B 99 31.65 -5.07 16.39
N LEU B 100 30.49 -4.57 15.98
CA LEU B 100 29.35 -4.35 16.85
C LEU B 100 28.37 -5.49 17.38
N SER B 101 28.39 -6.54 16.59
CA SER B 101 27.65 -7.74 16.90
C SER B 101 28.24 -8.86 16.08
N ILE B 102 27.89 -10.09 16.39
CA ILE B 102 28.20 -11.22 15.57
C ILE B 102 27.05 -12.18 15.65
N GLN B 103 26.40 -12.44 14.53
CA GLN B 103 25.15 -13.17 14.59
C GLN B 103 25.25 -14.68 14.71
N SER B 104 24.13 -15.33 15.01
CA SER B 104 24.04 -16.75 15.37
C SER B 104 24.48 -17.78 14.30
N ASP B 105 24.19 -17.43 13.07
CA ASP B 105 24.44 -18.15 11.84
C ASP B 105 24.63 -17.31 10.66
N PRO B 106 25.12 -17.84 9.57
CA PRO B 106 25.02 -17.12 8.29
C PRO B 106 23.77 -16.45 7.74
N PHE B 107 22.66 -17.07 8.03
CA PHE B 107 21.44 -16.56 7.50
C PHE B 107 20.75 -15.53 8.38
N ALA B 108 21.25 -15.37 9.60
CA ALA B 108 20.74 -14.31 10.44
C ALA B 108 21.19 -13.08 9.73
N PRO B 109 20.45 -12.00 9.81
CA PRO B 109 20.48 -10.99 8.75
C PRO B 109 21.81 -10.30 8.49
N GLY B 110 22.53 -9.84 9.50
CA GLY B 110 23.79 -9.20 9.26
C GLY B 110 24.53 -9.20 10.54
N SER B 111 25.84 -9.11 10.49
CA SER B 111 26.60 -9.02 11.68
C SER B 111 27.09 -7.60 11.64
N GLN B 112 26.67 -6.84 12.62
CA GLN B 112 26.86 -5.40 12.58
C GLN B 112 28.32 -5.05 12.79
N VAL B 113 28.83 -4.12 11.99
CA VAL B 113 30.21 -3.66 12.17
C VAL B 113 30.34 -2.16 11.97
N ARG B 114 31.32 -1.58 12.66
CA ARG B 114 31.68 -0.19 12.49
C ARG B 114 32.94 -0.07 11.66
N LEU B 115 32.79 0.57 10.52
CA LEU B 115 33.91 0.91 9.68
C LEU B 115 34.31 2.33 10.01
N VAL B 116 35.59 2.50 10.31
CA VAL B 116 36.12 3.80 10.68
C VAL B 116 37.29 4.15 9.79
N CYS B 117 37.29 5.34 9.21
CA CYS B 117 38.45 5.72 8.39
C CYS B 117 38.71 7.22 8.45
N PRO B 118 39.97 7.64 8.30
CA PRO B 118 40.34 9.05 8.46
C PRO B 118 39.61 9.99 7.50
N CYS B 119 39.38 11.22 7.96
CA CYS B 119 38.73 12.24 7.17
C CYS B 119 39.78 13.11 6.48
N THR B 120 39.89 12.99 5.16
CA THR B 120 40.96 13.62 4.42
C THR B 120 40.72 15.09 4.11
N PHE B 121 39.49 15.46 3.75
CA PHE B 121 39.23 16.81 3.22
C PHE B 121 39.36 17.91 4.24
N SER B 122 39.50 19.14 3.75
CA SER B 122 39.67 20.29 4.62
C SER B 122 38.33 20.77 5.15
N LEU B 123 38.17 20.74 6.46
CA LEU B 123 36.96 21.20 7.08
C LEU B 123 36.72 22.64 6.75
N GLU B 124 37.79 23.40 6.66
CA GLU B 124 37.65 24.82 6.48
C GLU B 124 37.00 25.14 5.17
N LYS B 125 37.42 24.46 4.14
CA LYS B 125 36.85 24.70 2.82
C LYS B 125 35.43 24.25 2.67
N VAL B 126 35.09 23.12 3.25
CA VAL B 126 33.76 22.55 3.09
C VAL B 126 32.82 22.87 4.27
N LEU B 127 33.38 22.97 5.47
CA LEU B 127 32.55 23.12 6.67
C LEU B 127 32.69 24.49 7.33
N GLN B 128 33.62 25.30 6.81
CA GLN B 128 33.83 26.66 7.30
C GLN B 128 34.29 26.74 8.76
N THR B 129 34.93 25.70 9.25
CA THR B 129 35.59 25.79 10.52
C THR B 129 36.64 24.71 10.72
N THR B 130 37.62 24.98 11.57
CA THR B 130 38.72 24.06 11.86
C THR B 130 38.29 23.03 12.89
N ASP B 131 37.75 23.50 14.00
CA ASP B 131 37.24 22.62 15.03
C ASP B 131 35.91 22.06 14.55
N LEU B 132 35.78 20.74 14.65
CA LEU B 132 34.56 20.09 14.18
C LEU B 132 33.32 20.69 14.81
N ALA B 133 33.33 20.81 16.14
CA ALA B 133 32.14 21.11 16.92
C ALA B 133 31.41 22.39 16.55
N ALA B 134 32.07 23.25 15.78
CA ALA B 134 31.47 24.52 15.41
C ALA B 134 30.69 24.42 14.11
N ALA B 135 31.02 23.42 13.31
CA ALA B 135 30.41 23.24 11.99
C ALA B 135 28.89 23.30 12.02
N ASN B 136 28.31 24.09 11.11
CA ASN B 136 26.86 24.11 10.92
C ASN B 136 26.41 22.69 10.73
N PRO B 137 25.53 22.19 11.61
CA PRO B 137 25.04 20.82 11.46
C PRO B 137 24.52 20.51 10.05
N CYS B 138 23.85 21.47 9.40
CA CYS B 138 23.37 21.29 8.05
C CYS B 138 24.47 20.77 7.12
N ARG B 139 25.65 21.39 7.22
CA ARG B 139 26.78 21.01 6.40
C ARG B 139 27.38 19.69 6.85
N ARG B 140 27.21 19.37 8.12
CA ARG B 140 27.74 18.11 8.60
C ARG B 140 26.89 17.00 8.03
N VAL B 141 25.60 17.27 7.91
CA VAL B 141 24.68 16.33 7.30
C VAL B 141 25.01 16.20 5.83
N ALA B 142 24.99 17.30 5.08
CA ALA B 142 25.31 17.24 3.65
C ALA B 142 26.63 16.52 3.39
N ALA B 143 27.57 16.68 4.31
CA ALA B 143 28.83 15.95 4.19
C ALA B 143 28.63 14.46 4.34
N GLU B 144 28.02 14.05 5.46
CA GLU B 144 27.85 12.62 5.76
C GLU B 144 27.00 11.93 4.68
N ASP B 145 25.95 12.63 4.29
CA ASP B 145 25.10 12.30 3.17
C ASP B 145 25.93 12.03 1.93
N PHE B 146 26.78 12.99 1.58
CA PHE B 146 27.66 12.88 0.42
C PHE B 146 28.55 11.64 0.48
N ILE B 147 29.22 11.43 1.60
CA ILE B 147 30.10 10.29 1.78
C ILE B 147 29.34 9.00 1.54
N LEU B 148 28.11 8.95 2.01
CA LEU B 148 27.30 7.77 1.83
C LEU B 148 27.07 7.55 0.39
N ARG B 149 26.75 8.61 -0.29
CA ARG B 149 26.47 8.56 -1.69
C ARG B 149 27.66 8.08 -2.51
N SER B 150 28.83 8.56 -2.17
CA SER B 150 30.09 8.23 -2.80
C SER B 150 30.50 6.78 -2.60
N PHE B 151 30.36 6.30 -1.40
CA PHE B 151 30.61 4.91 -1.09
C PHE B 151 29.68 4.02 -1.87
N HIS B 152 28.42 4.42 -1.94
CA HIS B 152 27.40 3.62 -2.60
C HIS B 152 27.58 3.61 -4.11
N ALA B 153 28.07 4.72 -4.65
CA ALA B 153 28.30 4.82 -6.08
C ALA B 153 29.46 3.93 -6.47
N GLY B 154 30.36 3.70 -5.52
CA GLY B 154 31.53 2.88 -5.77
C GLY B 154 31.27 1.53 -6.40
N TYR B 155 30.07 1.00 -6.20
CA TYR B 155 29.69 -0.25 -6.84
C TYR B 155 29.43 -0.06 -8.32
N ARG B 156 28.84 1.08 -8.66
CA ARG B 156 28.50 1.38 -10.06
C ARG B 156 29.71 1.76 -10.89
N ASN B 157 30.83 2.02 -10.23
CA ASN B 157 32.05 2.42 -10.93
C ASN B 157 33.09 1.30 -10.90
N GLY B 158 32.60 0.08 -10.65
CA GLY B 158 33.42 -1.11 -10.70
C GLY B 158 34.66 -1.08 -9.82
N ILE B 159 34.58 -0.31 -8.73
CA ILE B 159 35.70 -0.18 -7.79
C ILE B 159 35.96 -1.43 -6.93
N PRO B 160 34.95 -2.15 -6.53
CA PRO B 160 35.17 -3.32 -5.71
C PRO B 160 35.71 -4.43 -6.53
N ARG B 161 36.94 -4.80 -6.25
CA ARG B 161 37.55 -5.84 -7.03
C ARG B 161 36.72 -7.09 -6.92
N ARG B 162 35.78 -7.12 -5.98
CA ARG B 162 34.92 -8.27 -5.80
C ARG B 162 33.68 -7.87 -5.05
N THR B 163 32.55 -8.51 -5.32
CA THR B 163 31.30 -8.03 -4.76
C THR B 163 30.45 -9.18 -4.26
N SER B 164 30.79 -9.69 -3.08
CA SER B 164 29.99 -10.71 -2.41
C SER B 164 28.54 -10.27 -2.26
N GLY B 165 28.34 -8.98 -2.06
CA GLY B 165 27.01 -8.42 -1.94
C GLY B 165 26.39 -8.85 -0.64
N ALA B 166 27.24 -9.15 0.34
CA ALA B 166 26.79 -9.48 1.69
C ALA B 166 26.95 -8.25 2.59
N VAL B 167 27.29 -7.13 1.96
CA VAL B 167 27.46 -5.88 2.66
C VAL B 167 26.22 -5.01 2.55
N GLN B 168 25.45 -4.93 3.64
CA GLN B 168 24.33 -4.02 3.68
C GLN B 168 24.70 -2.70 4.32
N VAL B 169 24.58 -1.63 3.56
CA VAL B 169 24.73 -0.27 4.06
C VAL B 169 23.60 0.56 3.49
N LEU B 170 22.90 1.27 4.37
CA LEU B 170 21.66 1.95 4.01
C LEU B 170 21.79 2.77 2.73
N ARG B 171 20.85 2.57 1.82
CA ARG B 171 20.83 3.34 0.58
C ARG B 171 20.08 4.65 0.80
N PRO B 172 20.72 5.75 0.46
CA PRO B 172 20.17 7.08 0.54
C PRO B 172 19.12 7.42 -0.49
N SER B 173 18.19 8.24 -0.08
CA SER B 173 17.06 8.59 -0.88
C SER B 173 17.60 9.65 -1.75
N GLN B 174 16.74 10.34 -2.46
CA GLN B 174 17.16 11.43 -3.29
C GLN B 174 17.15 12.67 -2.46
N HIS B 175 16.77 12.48 -1.22
CA HIS B 175 16.65 13.57 -0.25
C HIS B 175 17.82 13.58 0.73
N VAL B 176 18.22 14.77 1.17
CA VAL B 176 19.35 14.87 2.08
C VAL B 176 18.88 15.04 3.53
N LEU B 177 19.03 13.94 4.27
CA LEU B 177 18.55 13.78 5.63
C LEU B 177 19.72 13.48 6.54
N GLU B 178 19.65 13.85 7.81
CA GLU B 178 20.65 13.33 8.72
C GLU B 178 20.36 11.84 8.87
N ARG B 179 21.40 11.03 8.76
CA ARG B 179 21.27 9.61 8.96
C ARG B 179 22.29 9.19 9.99
N SER B 180 21.95 8.19 10.79
CA SER B 180 22.87 7.67 11.78
C SER B 180 23.97 6.90 11.10
N THR B 181 23.75 6.60 9.82
CA THR B 181 24.60 5.71 9.04
C THR B 181 26.03 6.21 8.91
N VAL B 182 26.17 7.46 8.47
CA VAL B 182 27.48 8.09 8.50
C VAL B 182 27.50 9.19 9.54
N GLY B 183 28.49 9.12 10.42
CA GLY B 183 28.69 10.15 11.41
C GLY B 183 30.08 10.73 11.22
N LEU B 184 30.18 12.05 11.26
CA LEU B 184 31.47 12.72 11.14
C LEU B 184 31.99 13.09 12.53
N VAL B 185 32.98 12.35 13.02
CA VAL B 185 33.44 12.53 14.40
C VAL B 185 34.94 12.78 14.54
N LYS B 186 35.30 13.53 15.58
CA LYS B 186 36.71 13.70 15.92
C LYS B 186 36.92 13.56 17.42
N GLU B 197 37.24 12.05 12.09
CA GLU B 197 37.19 10.79 11.36
C GLU B 197 35.86 10.60 10.63
N ILE B 198 35.73 9.46 9.96
CA ILE B 198 34.48 9.11 9.29
C ILE B 198 33.98 7.74 9.74
N GLU B 199 32.73 7.74 10.20
CA GLU B 199 32.08 6.62 10.85
C GLU B 199 30.98 6.06 9.98
N ILE B 200 31.23 4.90 9.37
CA ILE B 200 30.20 4.25 8.56
C ILE B 200 29.78 2.91 9.15
N PHE B 201 28.49 2.77 9.45
CA PHE B 201 27.97 1.53 10.01
C PHE B 201 27.49 0.56 8.93
N ALA B 202 27.75 -0.72 9.16
CA ALA B 202 27.37 -1.72 8.18
C ALA B 202 26.76 -2.98 8.80
N ARG B 203 26.17 -3.78 7.91
CA ARG B 203 25.57 -5.06 8.25
C ARG B 203 26.15 -6.08 7.28
N VAL B 204 26.83 -7.12 7.75
CA VAL B 204 27.46 -8.05 6.83
C VAL B 204 27.05 -9.50 7.00
N LYS B 205 26.65 -10.16 5.92
CA LYS B 205 26.18 -11.53 5.98
C LYS B 205 27.36 -12.47 5.88
N LEU B 206 28.05 -12.68 6.99
CA LEU B 206 29.28 -13.40 6.92
C LEU B 206 29.11 -14.80 6.44
N PRO B 207 30.01 -15.25 5.57
CA PRO B 207 29.96 -16.58 4.98
C PRO B 207 30.13 -17.68 6.02
N GLY B 210 28.87 -23.64 4.18
CA GLY B 210 28.27 -24.62 5.07
C GLY B 210 28.31 -24.14 6.50
N ARG B 211 28.08 -25.01 7.46
CA ARG B 211 28.22 -24.61 8.84
C ARG B 211 29.65 -24.20 9.07
N ARG B 212 30.58 -24.92 8.48
CA ARG B 212 31.96 -24.52 8.63
C ARG B 212 32.10 -23.06 8.23
N ILE B 213 33.10 -22.41 8.79
CA ILE B 213 33.29 -20.98 8.63
C ILE B 213 33.58 -20.36 7.26
N ASP B 214 34.47 -20.89 6.44
CA ASP B 214 34.73 -20.16 5.21
C ASP B 214 35.21 -18.72 5.39
N GLY B 215 36.37 -18.55 5.98
CA GLY B 215 37.00 -17.25 6.14
C GLY B 215 37.36 -16.55 4.84
N HIS B 216 37.58 -17.32 3.81
CA HIS B 216 38.01 -16.72 2.57
C HIS B 216 36.92 -15.79 2.05
N GLY B 217 35.67 -16.17 2.27
CA GLY B 217 34.53 -15.37 1.85
C GLY B 217 34.60 -13.98 2.46
N ALA B 218 34.62 -13.95 3.78
CA ALA B 218 34.84 -12.71 4.51
C ALA B 218 36.05 -11.99 3.97
N ILE B 219 37.09 -12.74 3.75
CA ILE B 219 38.38 -12.20 3.45
C ILE B 219 38.20 -11.34 2.22
N ASP B 220 37.44 -11.84 1.28
CA ASP B 220 37.07 -11.10 0.09
C ASP B 220 36.31 -9.85 0.43
N ILE B 221 35.38 -10.06 1.31
CA ILE B 221 34.34 -9.14 1.58
C ILE B 221 34.94 -7.88 2.13
N PHE B 222 35.98 -7.99 2.94
CA PHE B 222 36.56 -6.81 3.55
C PHE B 222 37.67 -6.23 2.72
N TYR B 223 38.69 -7.04 2.54
CA TYR B 223 39.89 -6.64 1.84
C TYR B 223 39.63 -6.34 0.40
N ASN B 224 38.75 -7.10 -0.22
CA ASN B 224 38.56 -6.93 -1.66
C ASN B 224 37.35 -6.05 -2.04
N GLU B 225 36.35 -5.97 -1.17
CA GLU B 225 35.17 -5.19 -1.52
C GLU B 225 35.08 -3.86 -0.77
N LEU B 226 35.26 -3.90 0.54
CA LEU B 226 35.04 -2.72 1.38
C LEU B 226 36.22 -1.75 1.40
N VAL B 227 37.42 -2.28 1.54
CA VAL B 227 38.61 -1.46 1.55
C VAL B 227 38.79 -0.64 0.27
N PRO B 228 38.61 -1.27 -0.91
CA PRO B 228 38.80 -0.42 -2.10
C PRO B 228 37.74 0.68 -2.21
N LEU B 229 36.52 0.35 -1.82
CA LEU B 229 35.42 1.32 -1.83
C LEU B 229 35.69 2.49 -0.90
N LEU B 230 36.23 2.18 0.27
CA LEU B 230 36.55 3.20 1.27
C LEU B 230 37.71 4.05 0.83
N GLU B 231 38.81 3.38 0.48
CA GLU B 231 40.04 4.03 0.08
C GLU B 231 39.86 4.93 -1.14
N GLN B 232 39.04 4.47 -2.09
CA GLN B 232 38.87 5.16 -3.36
C GLN B 232 37.68 6.13 -3.38
N CYS B 233 36.52 5.69 -2.89
CA CYS B 233 35.35 6.56 -2.92
C CYS B 233 35.11 7.31 -1.62
N VAL B 234 35.61 6.80 -0.50
CA VAL B 234 35.41 7.48 0.80
C VAL B 234 36.65 8.25 1.28
N VAL B 235 37.76 7.59 1.45
CA VAL B 235 38.97 8.32 1.73
C VAL B 235 39.34 9.17 0.55
N GLY B 236 39.24 8.61 -0.63
CA GLY B 236 39.60 9.32 -1.83
C GLY B 236 38.46 10.08 -2.39
N LEU B 237 37.91 10.95 -1.59
CA LEU B 237 36.75 11.69 -1.94
C LEU B 237 37.14 12.76 -2.93
N ASN B 238 36.15 13.42 -3.53
CA ASN B 238 36.39 14.56 -4.37
C ASN B 238 35.85 15.78 -3.73
N GLU B 239 36.76 16.62 -3.27
CA GLU B 239 36.48 17.77 -2.45
C GLU B 239 35.61 18.80 -3.13
N GLU B 240 35.87 19.02 -4.39
CA GLU B 240 35.08 19.98 -5.13
C GLU B 240 33.70 19.47 -5.23
N ASP B 241 33.55 18.20 -5.46
CA ASP B 241 32.22 17.63 -5.49
C ASP B 241 31.57 17.80 -4.12
N LEU B 242 32.30 17.40 -3.09
CA LEU B 242 31.86 17.54 -1.71
C LEU B 242 31.38 18.96 -1.41
N HIS B 243 32.28 19.90 -1.64
CA HIS B 243 32.03 21.31 -1.36
C HIS B 243 30.77 21.78 -2.08
N GLN B 244 30.58 21.33 -3.32
CA GLN B 244 29.43 21.79 -4.11
C GLN B 244 28.13 21.14 -3.62
N HIS B 245 28.25 19.90 -3.17
CA HIS B 245 27.17 19.19 -2.52
C HIS B 245 26.69 20.06 -1.38
N VAL B 246 27.60 20.28 -0.45
CA VAL B 246 27.33 21.03 0.77
C VAL B 246 26.80 22.45 0.49
N ILE B 247 27.37 23.14 -0.48
CA ILE B 247 26.92 24.48 -0.83
C ILE B 247 25.46 24.45 -1.33
N CYS B 248 25.15 23.49 -2.19
CA CYS B 248 23.79 23.41 -2.75
C CYS B 248 22.80 23.13 -1.64
N VAL B 249 23.10 22.10 -0.87
CA VAL B 249 22.31 21.73 0.31
C VAL B 249 22.04 22.92 1.23
N HIS B 250 23.10 23.54 1.72
CA HIS B 250 22.98 24.65 2.66
C HIS B 250 22.16 25.77 2.06
N ASP B 251 22.37 26.05 0.79
CA ASP B 251 21.64 27.14 0.16
C ASP B 251 20.18 26.79 0.12
N GLN B 252 19.89 25.51 -0.02
CA GLN B 252 18.54 25.01 0.08
C GLN B 252 17.89 25.15 1.41
N GLU B 253 18.61 24.85 2.49
CA GLU B 253 18.07 25.02 3.80
C GLU B 253 17.77 26.46 4.02
N GLU B 254 18.71 27.31 3.70
CA GLU B 254 18.61 28.70 4.02
C GLU B 254 17.46 29.30 3.30
N LEU B 255 17.13 28.67 2.20
CA LEU B 255 16.22 29.22 1.25
C LEU B 255 14.89 28.79 1.69
N ARG B 256 14.83 27.72 2.44
CA ARG B 256 13.54 27.36 3.05
C ARG B 256 13.34 28.17 4.32
N SER B 257 14.44 28.59 4.94
CA SER B 257 14.40 29.46 6.12
C SER B 257 14.00 30.87 5.77
N ASN B 258 13.99 31.21 4.51
CA ASN B 258 13.65 32.55 4.10
C ASN B 258 12.24 32.75 3.70
N LEU B 259 11.46 31.69 3.77
CA LEU B 259 10.12 31.69 3.27
C LEU B 259 9.06 32.54 3.88
N LEU B 260 8.89 32.47 5.18
CA LEU B 260 7.70 33.06 5.76
C LEU B 260 8.02 34.46 6.01
N GLY B 261 9.31 34.66 6.11
CA GLY B 261 9.86 35.99 6.18
C GLY B 261 9.66 36.75 4.89
N ALA B 262 10.13 36.18 3.78
CA ALA B 262 10.08 36.88 2.50
C ALA B 262 8.66 37.17 2.02
N GLY B 263 7.68 36.47 2.59
CA GLY B 263 6.29 36.73 2.29
C GLY B 263 5.53 35.57 1.66
N TYR B 264 6.09 34.37 1.75
CA TYR B 264 5.57 33.23 1.03
C TYR B 264 5.43 31.98 1.89
N VAL B 265 4.74 30.98 1.36
CA VAL B 265 4.57 29.69 2.03
C VAL B 265 5.21 28.60 1.20
N ALA B 266 5.31 28.88 -0.10
CA ALA B 266 5.97 28.01 -1.05
C ALA B 266 6.74 28.85 -2.05
N PHE B 267 7.87 28.32 -2.50
CA PHE B 267 8.61 28.88 -3.64
C PHE B 267 9.08 27.80 -4.61
N VAL B 268 8.72 27.96 -5.87
CA VAL B 268 9.11 27.02 -6.93
C VAL B 268 10.10 27.64 -7.89
N ALA B 269 11.33 27.13 -7.86
CA ALA B 269 12.42 27.70 -8.64
C ALA B 269 12.20 27.53 -10.13
N ASN B 270 12.62 28.51 -10.92
CA ASN B 270 12.57 28.42 -12.37
C ASN B 270 13.56 27.40 -12.88
N GLY B 271 13.17 26.65 -13.90
CA GLY B 271 14.05 25.65 -14.47
C GLY B 271 14.08 24.35 -13.68
N ALA B 272 13.16 24.23 -12.74
CA ALA B 272 13.09 23.05 -11.90
C ALA B 272 12.47 21.90 -12.67
N ILE B 273 13.09 20.74 -12.62
CA ILE B 273 12.53 19.61 -13.26
C ILE B 273 11.71 18.84 -12.26
N LEU B 274 10.45 19.18 -12.16
CA LEU B 274 9.60 18.46 -11.27
C LEU B 274 9.32 17.02 -11.63
N PRO B 275 8.95 16.70 -12.87
CA PRO B 275 8.36 15.38 -13.03
C PRO B 275 9.32 14.30 -12.86
N ARG B 276 8.91 13.19 -12.28
CA ARG B 276 9.85 12.11 -12.04
C ARG B 276 10.05 11.24 -13.27
N ASP B 277 11.05 10.38 -13.14
CA ASP B 277 11.48 9.43 -14.14
C ASP B 277 10.43 8.36 -14.43
N ALA B 278 9.88 7.75 -13.39
CA ALA B 278 8.83 6.76 -13.59
C ALA B 278 7.89 6.69 -12.40
N GLY B 279 6.65 6.29 -12.66
CA GLY B 279 5.64 6.19 -11.63
C GLY B 279 6.07 5.43 -10.38
N ASN B 280 7.13 4.66 -10.49
CA ASN B 280 7.68 3.95 -9.36
C ASN B 280 9.08 4.43 -9.03
N SER B 281 9.40 5.63 -9.51
CA SER B 281 10.76 6.14 -9.41
C SER B 281 10.81 7.55 -8.84
N ASP B 282 11.91 7.87 -8.18
CA ASP B 282 12.04 9.17 -7.55
C ASP B 282 13.07 10.06 -8.22
N LYS B 283 13.80 9.49 -9.19
CA LYS B 283 14.84 10.23 -9.89
C LYS B 283 14.19 11.17 -10.89
N PRO B 284 14.91 12.19 -11.36
CA PRO B 284 14.22 13.15 -12.24
C PRO B 284 13.93 12.57 -13.61
N LEU B 285 13.07 13.23 -14.38
CA LEU B 285 12.75 12.80 -15.73
C LEU B 285 13.85 13.11 -16.74
N ARG B 286 14.54 12.08 -17.20
CA ARG B 286 15.58 12.21 -18.22
C ARG B 286 15.08 12.80 -19.53
N ASP B 287 13.96 12.28 -20.01
CA ASP B 287 13.51 12.53 -21.37
C ASP B 287 12.39 13.54 -21.50
N ASN B 288 12.70 14.68 -22.11
CA ASN B 288 11.70 15.63 -22.58
C ASN B 288 10.92 16.28 -21.48
N ALA B 289 11.57 16.43 -20.33
CA ALA B 289 11.02 17.24 -19.26
C ALA B 289 10.80 18.64 -19.78
N VAL B 290 9.85 19.35 -19.21
CA VAL B 290 9.69 20.77 -19.50
C VAL B 290 9.95 21.57 -18.23
N PRO B 291 11.05 22.36 -18.23
CA PRO B 291 11.45 23.10 -17.04
C PRO B 291 10.34 24.03 -16.56
N PHE B 292 10.08 23.98 -15.26
CA PHE B 292 9.04 24.77 -14.65
C PHE B 292 9.27 26.26 -14.88
N GLN B 293 8.23 26.99 -15.28
CA GLN B 293 8.36 28.42 -15.43
C GLN B 293 7.24 29.17 -14.73
N SER B 294 7.62 30.04 -13.80
CA SER B 294 6.66 30.87 -13.06
C SER B 294 6.01 31.92 -13.94
N PRO B 295 4.71 32.15 -13.74
CA PRO B 295 4.10 33.34 -14.35
C PRO B 295 4.76 34.62 -13.87
N LYS B 296 4.70 35.68 -14.63
CA LYS B 296 5.29 36.89 -14.16
C LYS B 296 4.70 37.48 -12.91
N SER B 297 3.39 37.45 -12.83
CA SER B 297 2.66 38.11 -11.78
C SER B 297 2.87 37.46 -10.44
N LEU B 298 3.60 36.37 -10.47
CA LEU B 298 3.86 35.55 -9.33
C LEU B 298 5.32 35.32 -9.25
N GLU B 299 6.11 36.09 -9.99
CA GLU B 299 7.53 35.85 -10.05
C GLU B 299 8.22 36.59 -8.91
N CYS B 300 9.30 36.01 -8.43
CA CYS B 300 10.07 36.63 -7.36
C CYS B 300 11.47 36.03 -7.29
N SER B 301 12.39 36.74 -6.62
CA SER B 301 13.79 36.32 -6.61
C SER B 301 14.43 36.31 -5.22
N PHE B 302 15.52 35.56 -5.11
CA PHE B 302 16.27 35.41 -3.86
C PHE B 302 17.78 35.42 -4.13
N THR B 303 18.55 35.57 -3.07
CA THR B 303 19.99 35.40 -3.16
C THR B 303 20.44 34.29 -2.23
N LEU B 304 21.19 33.34 -2.77
CA LEU B 304 21.71 32.25 -1.96
C LEU B 304 23.00 32.72 -1.30
N PRO B 305 23.12 32.50 0.00
CA PRO B 305 24.29 32.94 0.76
C PRO B 305 25.58 32.27 0.35
N HIS B 306 25.60 30.95 0.17
CA HIS B 306 26.86 30.22 0.09
C HIS B 306 27.38 30.10 -1.34
N SER B 307 26.49 30.20 -2.30
CA SER B 307 26.90 30.15 -3.69
C SER B 307 26.97 31.57 -4.25
N GLY B 308 26.13 32.45 -3.72
CA GLY B 308 26.01 33.78 -4.28
C GLY B 308 25.06 33.80 -5.45
N LYS B 309 24.77 32.62 -5.99
CA LYS B 309 23.79 32.49 -7.06
C LYS B 309 22.48 33.11 -6.61
N THR B 310 21.86 33.87 -7.51
CA THR B 310 20.59 34.54 -7.32
C THR B 310 19.56 33.84 -8.14
N ILE B 311 18.45 33.40 -7.55
CA ILE B 311 17.50 32.57 -8.32
C ILE B 311 16.07 33.11 -8.33
N THR B 312 15.30 32.67 -9.31
CA THR B 312 14.00 33.28 -9.61
C THR B 312 12.87 32.25 -9.85
N GLY B 313 11.63 32.59 -9.51
CA GLY B 313 10.53 31.65 -9.70
C GLY B 313 9.15 32.05 -9.19
N MET B 314 8.40 31.03 -8.77
CA MET B 314 7.03 31.21 -8.33
C MET B 314 6.91 31.33 -6.81
N GLY B 315 6.46 32.49 -6.36
CA GLY B 315 6.27 32.67 -4.94
C GLY B 315 4.81 32.53 -4.64
N LEU B 316 4.50 31.98 -3.46
CA LEU B 316 3.10 31.81 -3.10
C LEU B 316 2.77 32.39 -1.75
N PRO B 317 1.87 33.38 -1.75
CA PRO B 317 1.49 34.12 -0.55
C PRO B 317 0.81 33.25 0.47
N PRO B 318 0.74 33.70 1.72
CA PRO B 318 -0.09 32.96 2.66
C PRO B 318 -1.55 33.07 2.21
N GLY B 319 -2.37 32.11 2.60
CA GLY B 319 -3.73 32.04 2.14
C GLY B 319 -3.95 30.84 1.25
N LEU B 320 -4.87 30.95 0.30
CA LEU B 320 -5.28 29.81 -0.50
C LEU B 320 -4.75 29.85 -1.93
N THR B 321 -3.95 28.86 -2.30
CA THR B 321 -3.45 28.71 -3.66
C THR B 321 -4.20 27.60 -4.37
N LEU B 322 -4.87 27.93 -5.48
CA LEU B 322 -5.64 26.95 -6.22
C LEU B 322 -4.94 26.50 -7.51
N ILE B 323 -4.84 25.19 -7.69
CA ILE B 323 -4.20 24.63 -8.87
C ILE B 323 -5.24 23.95 -9.74
N ALA B 324 -5.71 24.66 -10.76
CA ALA B 324 -6.84 24.23 -11.55
C ALA B 324 -6.43 23.91 -12.98
N GLY B 325 -6.59 22.71 -13.45
CA GLY B 325 -6.59 22.50 -14.88
C GLY B 325 -7.12 21.14 -15.10
N GLY B 326 -7.84 20.89 -16.17
CA GLY B 326 -8.37 19.56 -16.39
C GLY B 326 -7.68 18.76 -17.44
N GLY B 327 -6.89 17.79 -17.03
CA GLY B 327 -6.21 16.96 -17.98
C GLY B 327 -4.94 16.40 -17.44
N PHE B 328 -4.04 16.05 -18.33
CA PHE B 328 -2.82 15.35 -18.07
C PHE B 328 -1.71 16.38 -17.80
N HIS B 329 -2.13 17.56 -17.41
CA HIS B 329 -1.35 18.78 -17.34
C HIS B 329 -0.17 19.03 -16.39
N GLY B 330 -0.05 18.25 -15.32
CA GLY B 330 0.99 18.45 -14.33
C GLY B 330 0.66 18.85 -12.90
N LYS B 331 -0.62 18.99 -12.61
CA LYS B 331 -1.13 19.36 -11.30
C LYS B 331 -0.70 18.59 -10.06
N SER B 332 -0.81 17.29 -10.14
CA SER B 332 -0.40 16.35 -9.14
C SER B 332 1.09 16.38 -9.00
N THR B 333 1.77 16.58 -10.11
CA THR B 333 3.22 16.54 -10.24
C THR B 333 3.98 17.65 -9.53
N LEU B 334 3.46 18.85 -9.67
CA LEU B 334 3.79 20.05 -8.94
C LEU B 334 3.50 19.85 -7.45
N LEU B 335 2.32 19.36 -7.14
CA LEU B 335 1.96 19.20 -5.75
C LEU B 335 2.95 18.26 -5.06
N ARG B 336 3.25 17.10 -5.65
CA ARG B 336 4.18 16.17 -5.01
C ARG B 336 5.52 16.86 -4.80
N ALA B 337 5.90 17.69 -5.76
CA ALA B 337 7.10 18.49 -5.55
C ALA B 337 6.94 19.27 -4.26
N LEU B 338 5.75 19.82 -4.04
CA LEU B 338 5.57 20.66 -2.86
C LEU B 338 5.61 19.85 -1.57
N GLU B 339 5.02 18.66 -1.55
CA GLU B 339 5.11 17.80 -0.36
C GLU B 339 6.54 17.46 -0.02
N VAL B 340 7.34 17.13 -1.02
CA VAL B 340 8.74 16.88 -0.71
C VAL B 340 9.43 18.21 -0.39
N GLY B 341 8.75 19.33 -0.67
CA GLY B 341 9.30 20.65 -0.48
C GLY B 341 9.90 20.95 0.88
N ILE B 342 9.61 20.05 1.81
CA ILE B 342 10.13 20.11 3.15
C ILE B 342 11.46 19.39 3.23
N TYR B 343 12.03 19.04 2.07
CA TYR B 343 13.31 18.34 2.05
C TYR B 343 14.35 19.01 1.14
N ASN B 344 15.59 18.66 1.34
CA ASN B 344 16.57 19.07 0.40
C ASN B 344 17.06 17.82 -0.21
N HIS B 345 17.29 17.90 -1.49
CA HIS B 345 17.56 16.76 -2.27
C HIS B 345 18.86 16.93 -2.99
N VAL B 346 19.48 15.85 -3.39
CA VAL B 346 20.71 15.90 -4.12
C VAL B 346 20.59 16.74 -5.38
N PRO B 347 21.61 17.51 -5.66
CA PRO B 347 21.59 18.50 -6.75
C PRO B 347 21.00 18.03 -8.11
N ASP B 348 20.89 16.74 -8.32
CA ASP B 348 20.19 16.18 -9.45
C ASP B 348 18.71 16.46 -9.44
N ASP B 349 18.09 16.43 -8.29
CA ASP B 349 16.76 15.94 -8.11
C ASP B 349 15.85 16.65 -9.06
N GLY B 350 16.13 17.91 -9.28
CA GLY B 350 15.43 18.67 -10.27
C GLY B 350 14.28 19.37 -9.66
N ARG B 351 13.96 19.01 -8.45
CA ARG B 351 13.04 19.77 -7.62
C ARG B 351 13.84 20.65 -6.68
N THR B 352 15.16 20.61 -6.80
CA THR B 352 16.00 21.40 -5.93
C THR B 352 15.61 22.87 -6.05
N TYR B 353 15.42 23.49 -4.88
CA TYR B 353 14.95 24.87 -4.71
C TYR B 353 13.46 24.99 -5.00
N VAL B 354 12.70 23.93 -4.78
CA VAL B 354 11.28 24.08 -4.62
C VAL B 354 11.13 23.83 -3.16
N VAL B 355 10.57 24.78 -2.43
CA VAL B 355 10.62 24.70 -1.00
C VAL B 355 9.29 25.08 -0.49
N VAL B 356 8.89 24.54 0.66
CA VAL B 356 7.61 24.77 1.30
C VAL B 356 7.80 24.97 2.79
N ASP B 357 6.83 25.47 3.48
CA ASP B 357 6.96 25.65 4.91
C ASP B 357 7.35 24.31 5.46
N PRO B 358 8.32 24.22 6.34
CA PRO B 358 8.85 22.90 6.72
C PRO B 358 7.91 22.10 7.60
N THR B 359 6.71 22.61 7.84
CA THR B 359 5.72 21.92 8.64
C THR B 359 4.51 21.49 7.80
N ALA B 360 4.68 21.57 6.48
CA ALA B 360 3.61 21.33 5.53
C ALA B 360 3.18 19.86 5.55
N VAL B 361 1.90 19.63 5.37
CA VAL B 361 1.37 18.29 5.47
C VAL B 361 0.45 17.95 4.33
N LYS B 362 0.79 16.88 3.63
CA LYS B 362 -0.07 16.30 2.62
C LYS B 362 -1.33 15.73 3.28
N ILE B 363 -2.46 16.41 3.08
CA ILE B 363 -3.71 16.03 3.72
C ILE B 363 -4.66 15.28 2.80
N ARG B 364 -4.97 14.05 3.19
CA ARG B 364 -5.79 13.17 2.38
C ARG B 364 -6.76 12.35 3.19
N ALA B 365 -7.83 11.92 2.56
CA ALA B 365 -8.71 10.95 3.16
C ALA B 365 -7.95 9.68 3.25
N GLU B 366 -8.18 8.94 4.30
CA GLU B 366 -7.49 7.71 4.52
C GLU B 366 -8.56 6.97 5.23
N ASP B 367 -8.75 5.70 4.93
CA ASP B 367 -9.95 5.00 5.31
C ASP B 367 -9.68 3.78 6.08
N ARG B 368 -10.50 3.59 7.08
CA ARG B 368 -10.40 2.50 8.01
C ARG B 368 -9.20 2.70 8.91
N ARG B 369 -8.62 3.88 8.85
CA ARG B 369 -7.60 4.25 9.76
C ARG B 369 -8.35 4.44 11.01
N SER B 370 -7.69 4.20 12.12
CA SER B 370 -8.28 4.39 13.42
C SER B 370 -8.04 5.81 13.88
N VAL B 371 -8.97 6.34 14.66
CA VAL B 371 -8.77 7.64 15.27
C VAL B 371 -9.05 7.55 16.76
N HIS B 372 -8.28 8.28 17.57
CA HIS B 372 -8.60 8.37 18.99
C HIS B 372 -8.32 9.72 19.63
N GLY B 373 -9.39 10.46 19.92
CA GLY B 373 -9.26 11.67 20.69
C GLY B 373 -9.07 12.92 19.85
N VAL B 374 -9.34 12.80 18.57
CA VAL B 374 -9.20 13.95 17.71
C VAL B 374 -10.55 14.65 17.69
N ASP B 375 -10.53 15.98 17.77
CA ASP B 375 -11.72 16.80 17.74
C ASP B 375 -11.95 17.29 16.33
N ILE B 376 -12.73 16.53 15.56
CA ILE B 376 -12.93 16.83 14.14
C ILE B 376 -14.13 17.74 13.91
N SER B 377 -14.63 18.28 15.00
CA SER B 377 -15.86 18.97 15.03
C SER B 377 -15.94 20.21 14.21
N PRO B 378 -14.82 20.73 13.77
CA PRO B 378 -14.87 21.86 12.88
C PRO B 378 -15.45 21.50 11.56
N PHE B 379 -15.11 20.33 11.06
CA PHE B 379 -15.56 19.93 9.73
C PHE B 379 -16.81 19.07 9.75
N ILE B 380 -16.88 18.12 10.67
CA ILE B 380 -18.00 17.21 10.77
C ILE B 380 -18.83 17.38 12.04
N ASN B 381 -20.12 17.60 11.88
CA ASN B 381 -20.97 18.00 12.98
C ASN B 381 -21.89 16.94 13.60
N ASN B 382 -22.46 16.05 12.80
CA ASN B 382 -23.62 15.29 13.28
C ASN B 382 -23.56 13.77 13.18
N LEU B 383 -22.56 13.14 13.81
CA LEU B 383 -22.41 11.68 13.71
C LEU B 383 -23.68 10.91 14.07
N PRO B 384 -23.77 9.66 13.58
CA PRO B 384 -24.93 8.86 13.98
C PRO B 384 -24.87 8.42 15.43
N PHE B 385 -26.03 8.49 16.09
CA PHE B 385 -26.26 7.92 17.41
C PHE B 385 -25.63 8.77 18.51
N GLY B 386 -25.61 10.08 18.29
CA GLY B 386 -25.06 11.02 19.25
C GLY B 386 -23.62 10.68 19.59
N LYS B 387 -22.93 10.03 18.66
CA LYS B 387 -21.53 9.75 18.85
C LYS B 387 -20.83 11.08 18.81
N THR B 388 -19.78 11.19 19.60
CA THR B 388 -19.07 12.44 19.82
C THR B 388 -18.22 12.89 18.66
N THR B 389 -18.58 14.00 18.03
CA THR B 389 -17.64 14.61 17.10
C THR B 389 -16.43 15.05 17.88
N ASN B 390 -16.60 15.82 18.94
CA ASN B 390 -15.52 16.56 19.61
C ASN B 390 -14.36 15.77 20.17
N PHE B 391 -14.57 14.51 20.48
CA PHE B 391 -13.49 13.61 20.78
C PHE B 391 -13.72 12.37 19.91
N PHE B 392 -13.28 12.33 18.66
CA PHE B 392 -13.60 11.22 17.75
C PHE B 392 -12.91 9.90 18.06
N VAL B 393 -13.54 8.77 17.79
CA VAL B 393 -12.86 7.50 18.01
C VAL B 393 -13.45 6.36 17.15
N THR B 394 -12.65 5.80 16.24
CA THR B 394 -13.07 4.65 15.42
C THR B 394 -11.91 3.72 15.14
N ALA B 395 -12.22 2.50 14.83
CA ALA B 395 -11.26 1.63 14.22
C ALA B 395 -11.58 1.35 12.78
N ASP B 396 -12.54 2.03 12.19
CA ASP B 396 -12.82 1.95 10.78
C ASP B 396 -13.40 3.24 10.24
N ALA B 397 -12.55 4.14 9.85
CA ALA B 397 -12.94 5.47 9.49
C ALA B 397 -13.44 5.71 8.10
N SER B 398 -14.24 6.75 7.95
CA SER B 398 -14.83 7.21 6.71
C SER B 398 -13.90 8.11 5.96
N GLY B 399 -14.15 8.34 4.68
CA GLY B 399 -13.29 9.17 3.90
C GLY B 399 -13.29 10.61 4.29
N SER B 400 -14.45 11.19 4.51
CA SER B 400 -14.54 12.50 5.10
C SER B 400 -14.07 12.63 6.51
N THR B 401 -14.49 11.76 7.37
CA THR B 401 -14.06 11.77 8.77
C THR B 401 -12.66 11.56 9.13
N SER B 402 -12.02 10.64 8.46
CA SER B 402 -10.59 10.52 8.60
C SER B 402 -9.73 11.58 7.91
N GLN B 403 -10.24 12.13 6.82
CA GLN B 403 -9.55 13.25 6.26
C GLN B 403 -9.56 14.39 7.17
N ALA B 404 -10.72 14.71 7.72
CA ALA B 404 -10.84 15.70 8.80
C ALA B 404 -9.99 15.32 10.00
N ALA B 405 -9.99 14.03 10.31
CA ALA B 405 -9.14 13.51 11.35
C ALA B 405 -7.69 13.87 11.07
N ASN B 406 -7.29 13.82 9.81
CA ASN B 406 -5.91 14.11 9.45
C ASN B 406 -5.60 15.59 9.50
N ILE B 407 -6.56 16.44 9.20
CA ILE B 407 -6.39 17.88 9.29
C ILE B 407 -6.18 18.34 10.69
N MET B 408 -7.02 17.92 11.59
CA MET B 408 -6.80 18.16 12.98
C MET B 408 -5.58 17.46 13.49
N GLU B 409 -5.30 16.27 13.02
CA GLU B 409 -4.17 15.52 13.47
C GLU B 409 -2.99 16.42 13.25
N ALA B 410 -2.98 17.08 12.10
CA ALA B 410 -1.91 17.91 11.58
C ALA B 410 -1.80 19.20 12.37
N LEU B 411 -2.88 19.95 12.46
CA LEU B 411 -2.88 21.20 13.21
C LEU B 411 -2.39 20.95 14.63
N GLU B 412 -2.83 19.83 15.20
CA GLU B 412 -2.38 19.43 16.53
C GLU B 412 -0.85 19.28 16.55
N LEU B 413 -0.26 18.89 15.46
CA LEU B 413 1.19 18.80 15.41
C LEU B 413 1.79 20.05 14.88
N GLY B 414 0.95 20.99 14.50
CA GLY B 414 1.41 22.34 14.22
C GLY B 414 1.77 22.69 12.79
N SER B 415 1.01 22.19 11.83
CA SER B 415 1.25 22.46 10.41
C SER B 415 0.69 23.80 9.99
N GLN B 416 1.41 24.51 9.12
CA GLN B 416 0.93 25.81 8.70
C GLN B 416 0.48 25.78 7.24
N LEU B 417 0.91 24.78 6.50
CA LEU B 417 0.57 24.67 5.07
C LEU B 417 -0.01 23.30 4.73
N LEU B 418 -1.31 23.25 4.50
CA LEU B 418 -1.94 21.98 4.19
C LEU B 418 -1.83 21.76 2.69
N LEU B 419 -1.58 20.53 2.28
CA LEU B 419 -1.46 20.25 0.88
C LEU B 419 -2.50 19.27 0.37
N LEU B 420 -3.41 19.74 -0.46
CA LEU B 420 -4.47 18.90 -0.96
C LEU B 420 -4.56 18.52 -2.42
N ASP B 421 -4.50 17.24 -2.72
CA ASP B 421 -4.70 16.72 -4.06
C ASP B 421 -6.09 16.22 -4.06
N GLU B 422 -6.96 16.85 -4.81
CA GLU B 422 -8.37 16.60 -4.70
C GLU B 422 -8.76 15.17 -5.01
N ASP B 423 -7.92 14.45 -5.70
CA ASP B 423 -8.24 13.09 -6.10
C ASP B 423 -8.02 12.09 -5.01
N THR B 424 -7.25 12.45 -4.00
CA THR B 424 -7.18 11.69 -2.74
C THR B 424 -7.95 12.38 -1.59
N CYS B 425 -8.78 13.35 -1.94
CA CYS B 425 -9.57 14.01 -0.94
C CYS B 425 -11.00 13.58 -0.99
N ALA B 426 -11.66 13.72 0.15
CA ALA B 426 -13.00 13.28 0.34
C ALA B 426 -13.90 14.32 -0.16
N THR B 427 -14.47 14.13 -1.31
CA THR B 427 -15.30 15.12 -1.92
C THR B 427 -16.27 15.79 -0.96
N ASN B 428 -16.89 15.06 -0.04
CA ASN B 428 -17.89 15.68 0.82
C ASN B 428 -17.37 16.83 1.64
N LEU B 429 -16.16 16.65 2.13
CA LEU B 429 -15.49 17.66 2.89
C LEU B 429 -15.27 18.90 2.08
N MET B 430 -14.97 18.70 0.82
CA MET B 430 -14.47 19.78 -0.01
C MET B 430 -15.54 20.81 -0.36
N TYR B 431 -16.69 20.37 -0.87
CA TYR B 431 -17.74 21.33 -1.17
C TYR B 431 -19.15 20.74 -1.20
N ARG B 432 -20.12 21.58 -1.49
CA ARG B 432 -21.54 21.22 -1.47
C ARG B 432 -22.23 21.55 -2.79
N ASP B 433 -22.99 20.58 -3.31
CA ASP B 433 -23.74 20.77 -4.54
C ASP B 433 -25.12 21.30 -4.22
N ALA B 434 -25.67 22.12 -5.12
CA ALA B 434 -27.01 22.68 -4.96
C ALA B 434 -28.04 21.56 -4.93
N LEU B 435 -28.06 20.77 -5.99
CA LEU B 435 -28.96 19.63 -6.13
C LEU B 435 -28.91 18.73 -4.91
N MET B 436 -27.70 18.54 -4.39
CA MET B 436 -27.49 17.67 -3.25
C MET B 436 -28.14 18.19 -1.99
N GLN B 437 -27.96 19.47 -1.72
CA GLN B 437 -28.53 20.10 -0.54
C GLN B 437 -30.04 20.19 -0.57
N MET B 438 -30.58 20.38 -1.76
CA MET B 438 -32.02 20.52 -1.91
C MET B 438 -32.64 19.14 -1.85
N LEU B 439 -31.90 18.13 -2.32
CA LEU B 439 -32.36 16.75 -2.23
C LEU B 439 -32.49 16.36 -0.77
N VAL B 440 -31.38 16.45 -0.07
CA VAL B 440 -31.39 16.31 1.36
C VAL B 440 -30.84 17.56 2.00
N PRO B 441 -31.63 18.11 2.87
CA PRO B 441 -31.29 19.35 3.60
C PRO B 441 -29.96 19.27 4.35
N ARG B 442 -29.17 20.33 4.27
CA ARG B 442 -27.85 20.37 4.89
C ARG B 442 -27.94 20.33 6.42
N ALA B 443 -29.12 20.66 6.95
CA ALA B 443 -29.42 20.48 8.35
C ALA B 443 -29.26 19.00 8.70
N GLN B 444 -29.74 18.14 7.81
CA GLN B 444 -29.62 16.68 7.95
C GLN B 444 -28.21 16.16 7.66
N GLU B 445 -27.42 16.94 6.90
CA GLU B 445 -26.03 16.57 6.63
C GLU B 445 -25.07 17.15 7.66
N PRO B 446 -24.27 16.27 8.27
CA PRO B 446 -23.27 16.67 9.27
C PRO B 446 -22.29 17.70 8.74
N ILE B 447 -21.60 17.34 7.68
CA ILE B 447 -20.41 18.04 7.21
C ILE B 447 -20.56 19.53 6.98
N THR B 448 -19.57 20.26 7.48
CA THR B 448 -19.31 21.64 7.09
C THR B 448 -18.02 21.67 6.27
N PRO B 449 -18.15 21.84 4.96
CA PRO B 449 -17.03 21.71 4.02
C PRO B 449 -15.84 22.64 4.29
N PHE B 450 -14.71 22.30 3.68
CA PHE B 450 -13.43 22.96 3.91
C PHE B 450 -13.42 24.41 3.44
N VAL B 451 -14.08 24.69 2.33
CA VAL B 451 -14.15 26.03 1.77
C VAL B 451 -14.58 27.06 2.82
N GLU B 452 -15.42 26.62 3.74
CA GLU B 452 -15.97 27.51 4.75
C GLU B 452 -14.98 27.69 5.89
N ARG B 453 -14.18 26.67 6.14
CA ARG B 453 -13.18 26.77 7.20
C ARG B 453 -11.86 27.38 6.74
N VAL B 454 -11.70 27.61 5.43
CA VAL B 454 -10.36 27.90 4.93
C VAL B 454 -10.00 29.36 5.18
N ALA B 455 -10.92 30.28 4.88
CA ALA B 455 -10.68 31.70 5.13
C ALA B 455 -10.45 31.92 6.61
N ASP B 456 -11.20 31.20 7.41
CA ASP B 456 -11.05 31.24 8.83
C ASP B 456 -9.67 30.77 9.23
N LEU B 457 -9.18 29.67 8.69
CA LEU B 457 -7.88 29.17 9.07
C LEU B 457 -6.73 30.07 8.66
N SER B 458 -6.76 30.64 7.47
CA SER B 458 -5.72 31.60 7.11
C SER B 458 -5.78 32.90 7.86
N GLN B 459 -6.96 33.51 7.94
CA GLN B 459 -7.06 34.80 8.63
C GLN B 459 -6.82 34.73 10.13
N ASN B 460 -7.39 33.77 10.82
CA ASN B 460 -7.23 33.74 12.26
C ASN B 460 -6.14 32.82 12.75
N HIS B 461 -5.60 32.00 11.87
CA HIS B 461 -4.60 31.05 12.29
C HIS B 461 -3.31 31.02 11.54
N GLY B 462 -3.23 31.71 10.44
CA GLY B 462 -2.02 31.67 9.64
C GLY B 462 -1.73 30.30 9.12
N VAL B 463 -2.77 29.53 8.85
CA VAL B 463 -2.62 28.23 8.20
C VAL B 463 -3.12 28.32 6.79
N SER B 464 -2.22 28.05 5.85
CA SER B 464 -2.48 28.21 4.43
C SER B 464 -2.63 26.88 3.70
N SER B 465 -3.33 26.92 2.58
CA SER B 465 -3.59 25.70 1.83
C SER B 465 -3.29 25.87 0.35
N ILE B 466 -2.58 24.91 -0.22
CA ILE B 466 -2.44 24.81 -1.66
C ILE B 466 -3.17 23.58 -2.10
N MET B 467 -4.12 23.70 -3.02
CA MET B 467 -4.81 22.49 -3.46
C MET B 467 -5.17 22.46 -4.93
N VAL B 468 -4.96 21.28 -5.51
CA VAL B 468 -5.37 20.94 -6.85
C VAL B 468 -6.87 20.79 -6.92
N ILE B 469 -7.55 21.52 -7.77
CA ILE B 469 -8.96 21.28 -7.92
C ILE B 469 -9.25 20.83 -9.32
N GLY B 470 -9.97 19.73 -9.44
CA GLY B 470 -10.36 19.27 -10.74
C GLY B 470 -11.81 19.56 -10.92
N GLY B 471 -12.10 20.50 -11.79
CA GLY B 471 -13.46 20.85 -12.07
C GLY B 471 -14.39 21.31 -10.98
N SER B 472 -13.94 22.24 -10.13
CA SER B 472 -14.85 22.93 -9.24
C SER B 472 -14.42 24.34 -8.89
N GLY B 473 -15.16 25.31 -9.37
CA GLY B 473 -14.83 26.69 -9.08
C GLY B 473 -15.45 27.21 -7.81
N GLN B 474 -15.98 26.34 -7.01
CA GLN B 474 -16.62 26.82 -5.80
C GLN B 474 -15.63 27.58 -4.93
N TYR B 475 -14.37 27.19 -4.98
CA TYR B 475 -13.36 27.82 -4.13
C TYR B 475 -12.95 29.23 -4.52
N PHE B 476 -13.54 29.76 -5.59
CA PHE B 476 -13.06 31.02 -6.14
C PHE B 476 -13.22 32.27 -5.25
N PRO B 477 -14.31 32.38 -4.48
CA PRO B 477 -14.36 33.55 -3.58
C PRO B 477 -13.30 33.52 -2.48
N GLN B 478 -12.80 32.33 -2.18
CA GLN B 478 -11.83 32.14 -1.11
C GLN B 478 -10.40 32.18 -1.65
N ALA B 479 -10.25 31.94 -2.94
CA ALA B 479 -8.94 31.76 -3.53
C ALA B 479 -8.05 33.01 -3.51
N ARG B 480 -6.85 32.86 -2.95
CA ARG B 480 -5.87 33.93 -3.02
C ARG B 480 -5.34 34.03 -4.44
N VAL B 481 -4.73 32.94 -4.91
CA VAL B 481 -4.33 32.82 -6.31
C VAL B 481 -5.03 31.65 -6.97
N VAL B 482 -5.39 31.80 -8.23
CA VAL B 482 -5.89 30.66 -9.00
C VAL B 482 -4.93 30.40 -10.14
N LEU B 483 -4.30 29.24 -10.09
CA LEU B 483 -3.36 28.84 -11.11
C LEU B 483 -4.06 27.98 -12.17
N VAL B 484 -3.57 28.05 -13.41
CA VAL B 484 -4.10 27.21 -14.47
C VAL B 484 -2.97 26.48 -15.17
N MET B 485 -2.94 25.17 -15.05
CA MET B 485 -1.88 24.40 -15.66
C MET B 485 -2.34 23.78 -16.98
N ASN B 486 -1.49 23.90 -17.98
CA ASN B 486 -1.79 23.41 -19.32
C ASN B 486 -0.53 22.93 -20.03
N ALA B 487 -0.46 21.64 -20.26
CA ALA B 487 0.69 21.02 -20.89
C ALA B 487 1.98 21.39 -20.16
N TYR B 488 1.89 21.43 -18.83
CA TYR B 488 3.02 21.66 -17.94
C TYR B 488 3.47 23.13 -17.96
N GLN B 489 2.60 24.00 -18.46
CA GLN B 489 2.81 25.46 -18.36
C GLN B 489 1.74 26.14 -17.51
N ILE B 490 2.15 27.03 -16.61
CA ILE B 490 1.22 27.71 -15.71
C ILE B 490 0.82 29.10 -16.20
N SER B 491 -0.42 29.47 -15.94
CA SER B 491 -0.84 30.86 -16.10
C SER B 491 -1.46 31.32 -14.79
N ASP B 492 -1.28 32.59 -14.47
CA ASP B 492 -1.91 33.21 -13.30
C ASP B 492 -3.30 33.70 -13.67
N CYS B 493 -4.31 32.93 -13.29
CA CYS B 493 -5.68 33.27 -13.67
C CYS B 493 -6.52 33.69 -12.47
N THR B 494 -5.89 34.24 -11.45
CA THR B 494 -6.64 34.62 -10.26
C THR B 494 -7.66 35.73 -10.55
N LYS B 495 -7.33 36.63 -11.46
CA LYS B 495 -8.27 37.67 -11.80
C LYS B 495 -9.47 37.18 -12.54
N GLU B 496 -9.25 36.35 -13.52
CA GLU B 496 -10.35 35.89 -14.34
C GLU B 496 -11.28 35.11 -13.44
N ALA B 497 -10.71 34.25 -12.64
CA ALA B 497 -11.56 33.39 -11.89
C ALA B 497 -12.40 34.13 -10.91
N LYS B 498 -11.82 34.95 -10.07
CA LYS B 498 -12.68 35.68 -9.13
C LYS B 498 -13.71 36.57 -9.83
N GLU B 499 -13.44 36.82 -11.11
CA GLU B 499 -14.38 37.56 -11.96
C GLU B 499 -15.52 36.58 -12.29
N ILE B 500 -15.16 35.32 -12.49
CA ILE B 500 -16.16 34.30 -12.78
C ILE B 500 -17.04 34.16 -11.56
N ALA B 501 -16.38 34.02 -10.41
CA ALA B 501 -17.09 33.98 -9.13
C ALA B 501 -17.99 35.20 -9.00
N SER B 502 -17.41 36.37 -9.12
CA SER B 502 -18.15 37.59 -9.07
C SER B 502 -19.47 37.49 -9.79
N ASN B 503 -19.43 37.29 -11.10
CA ASN B 503 -20.66 37.29 -11.86
C ASN B 503 -21.56 36.11 -11.60
N SER B 504 -21.07 35.15 -10.84
CA SER B 504 -21.87 33.98 -10.51
C SER B 504 -22.63 34.24 -9.25
N SER B 505 -22.11 35.12 -8.43
CA SER B 505 -22.87 35.59 -7.29
C SER B 505 -23.98 36.55 -7.73
N SER B 517 -12.92 32.77 15.05
CA SER B 517 -12.71 31.39 14.58
C SER B 517 -13.55 30.26 15.16
N VAL B 518 -13.23 29.04 14.73
CA VAL B 518 -13.84 27.81 15.21
C VAL B 518 -12.82 26.89 15.88
N PHE B 519 -11.53 27.15 15.67
CA PHE B 519 -10.48 26.22 16.07
C PHE B 519 -9.83 26.59 17.40
N ILE B 520 -9.68 25.61 18.27
CA ILE B 520 -9.00 25.80 19.54
C ILE B 520 -7.56 25.32 19.45
N PRO B 521 -6.61 26.22 19.48
CA PRO B 521 -5.21 25.87 19.46
C PRO B 521 -4.80 25.07 20.66
N ASP B 522 -5.30 25.44 21.82
CA ASP B 522 -4.92 24.77 23.03
C ASP B 522 -5.80 23.54 23.00
N VAL B 523 -5.20 22.41 22.70
CA VAL B 523 -5.97 21.24 22.42
C VAL B 523 -5.74 20.26 23.52
N ASN B 524 -6.83 19.82 24.10
CA ASN B 524 -6.73 18.96 25.27
C ASN B 524 -6.64 17.52 24.82
N ARG B 525 -5.41 17.05 24.62
CA ARG B 525 -5.22 15.66 24.23
C ARG B 525 -3.94 15.14 24.84
N CYS B 526 -4.07 14.34 25.90
CA CYS B 526 -2.92 13.72 26.53
C CYS B 526 -2.83 12.28 26.02
N PHE B 527 -1.68 11.65 26.21
CA PHE B 527 -1.50 10.26 25.78
C PHE B 527 -1.58 9.30 26.96
N ASP B 528 -2.33 8.22 26.76
CA ASP B 528 -2.57 7.24 27.81
C ASP B 528 -1.78 5.97 27.53
N PRO B 529 -0.59 5.84 28.12
CA PRO B 529 0.26 4.66 27.87
C PRO B 529 -0.34 3.38 28.41
N ASP B 530 -1.34 3.51 29.27
CA ASP B 530 -1.91 2.35 29.92
C ASP B 530 -2.75 1.58 28.93
N GLY B 531 -3.83 2.21 28.46
CA GLY B 531 -4.75 1.57 27.54
C GLY B 531 -4.10 1.42 26.18
N SER B 532 -3.07 2.22 25.95
CA SER B 532 -2.36 2.16 24.71
C SER B 532 -1.43 0.95 24.67
N PHE B 533 -0.73 0.67 25.76
CA PHE B 533 0.26 -0.40 25.70
C PHE B 533 -0.14 -1.65 26.44
N THR B 534 -1.36 -1.73 26.92
CA THR B 534 -1.76 -2.88 27.71
C THR B 534 -1.70 -4.14 26.91
N THR B 535 -2.07 -4.04 25.65
CA THR B 535 -2.22 -5.21 24.83
C THR B 535 -0.95 -5.98 24.66
N VAL B 536 0.12 -5.29 24.34
CA VAL B 536 1.24 -5.95 23.76
C VAL B 536 1.88 -7.07 24.55
N ARG B 537 2.64 -7.94 23.88
CA ARG B 537 3.14 -9.15 24.51
C ARG B 537 4.65 -9.12 24.73
N THR B 545 8.78 -6.77 24.25
CA THR B 545 8.57 -7.35 22.94
C THR B 545 9.62 -6.94 21.92
N LYS B 546 9.17 -6.67 20.70
CA LYS B 546 10.05 -6.21 19.64
C LYS B 546 9.38 -5.13 18.81
N VAL B 547 10.12 -4.10 18.44
CA VAL B 547 9.62 -3.06 17.56
C VAL B 547 10.61 -2.85 16.41
N SER B 548 10.10 -2.81 15.19
CA SER B 548 10.94 -2.80 14.01
C SER B 548 10.19 -2.19 12.84
N GLY B 549 10.88 -1.39 12.03
CA GLY B 549 10.27 -0.77 10.86
C GLY B 549 10.20 -1.69 9.66
N ILE B 550 9.02 -1.86 9.10
CA ILE B 550 8.83 -2.66 7.90
C ILE B 550 8.87 -1.79 6.66
N GLY B 551 9.98 -1.89 5.95
CA GLY B 551 10.22 -1.12 4.75
C GLY B 551 9.94 0.33 4.97
N THR B 552 9.03 0.86 4.17
CA THR B 552 8.69 2.27 4.15
C THR B 552 7.21 2.40 4.47
N GLU B 553 6.60 1.27 4.75
CA GLU B 553 5.16 1.16 4.68
C GLU B 553 4.55 0.95 6.04
N SER B 554 5.22 0.17 6.88
CA SER B 554 4.56 -0.22 8.10
C SER B 554 5.46 -0.23 9.30
N ILE B 555 4.86 -0.36 10.48
CA ILE B 555 5.65 -0.64 11.67
C ILE B 555 5.21 -1.90 12.35
N ARG B 556 6.16 -2.81 12.47
CA ARG B 556 5.99 -3.96 13.33
C ARG B 556 6.14 -3.48 14.77
N PHE B 557 5.02 -3.41 15.47
CA PHE B 557 5.02 -2.97 16.86
C PHE B 557 4.56 -4.12 17.76
N SER B 558 5.51 -4.97 18.14
CA SER B 558 5.18 -6.27 18.75
C SER B 558 4.25 -7.03 17.81
N GLU B 559 3.10 -7.50 18.29
CA GLU B 559 2.15 -8.21 17.43
C GLU B 559 1.30 -7.23 16.61
N GLU B 560 1.41 -5.94 16.89
CA GLU B 560 0.66 -4.92 16.18
C GLU B 560 1.36 -4.46 14.90
N THR B 561 0.62 -3.72 14.08
CA THR B 561 1.11 -3.35 12.76
C THR B 561 0.52 -2.01 12.33
N ILE B 562 1.38 -1.00 12.21
CA ILE B 562 0.92 0.36 11.94
C ILE B 562 1.03 0.71 10.48
N ASP B 563 -0.05 1.22 9.89
CA ASP B 563 -0.07 1.47 8.47
C ASP B 563 0.21 2.90 8.09
N LEU B 564 1.43 3.11 7.58
CA LEU B 564 1.92 4.41 7.16
C LEU B 564 1.87 4.57 5.65
N SER B 565 1.19 3.64 4.98
CA SER B 565 1.17 3.60 3.52
C SER B 565 0.59 4.88 2.92
N MET B 566 -0.03 5.69 3.75
CA MET B 566 -0.58 6.96 3.27
C MET B 566 -0.13 8.15 4.11
N VAL B 567 0.99 7.99 4.80
CA VAL B 567 1.65 9.11 5.45
C VAL B 567 2.68 9.61 4.45
N GLU B 568 2.17 10.23 3.38
CA GLU B 568 2.89 10.32 2.13
C GLU B 568 4.20 11.10 2.14
N GLN B 569 4.57 11.71 3.26
CA GLN B 569 5.80 12.47 3.27
C GLN B 569 6.92 11.67 3.92
N ILE B 570 6.66 10.41 4.22
CA ILE B 570 7.74 9.54 4.63
C ILE B 570 8.46 9.15 3.38
N VAL B 571 9.75 9.42 3.28
CA VAL B 571 10.45 9.06 2.06
C VAL B 571 11.75 8.29 2.29
N GLU B 572 11.88 7.64 3.45
CA GLU B 572 12.99 6.72 3.64
C GLU B 572 12.66 5.59 4.59
N GLU B 573 13.40 4.48 4.47
CA GLU B 573 13.26 3.36 5.38
C GLU B 573 13.78 3.72 6.76
N GLY B 574 14.86 4.49 6.77
CA GLY B 574 15.50 4.94 8.00
C GLY B 574 14.62 5.89 8.79
N GLN B 575 13.69 6.53 8.09
CA GLN B 575 12.73 7.38 8.75
C GLN B 575 11.79 6.51 9.59
N VAL B 576 11.07 5.60 8.95
CA VAL B 576 10.19 4.69 9.67
C VAL B 576 10.97 3.95 10.76
N ASN B 577 12.25 3.69 10.52
CA ASN B 577 13.08 3.09 11.55
C ASN B 577 13.19 4.03 12.74
N ALA B 578 13.39 5.32 12.47
CA ALA B 578 13.45 6.31 13.54
C ALA B 578 12.17 6.27 14.36
N ILE B 579 11.05 6.24 13.65
CA ILE B 579 9.75 6.17 14.26
C ILE B 579 9.63 4.95 15.17
N ALA B 580 10.19 3.84 14.71
CA ALA B 580 10.20 2.61 15.50
C ALA B 580 10.98 2.79 16.80
N GLN B 581 12.10 3.48 16.72
CA GLN B 581 12.88 3.82 17.91
C GLN B 581 12.03 4.61 18.91
N CYS B 582 11.35 5.63 18.41
CA CYS B 582 10.50 6.42 19.27
C CYS B 582 9.42 5.57 19.95
N LEU B 583 8.73 4.75 19.17
CA LEU B 583 7.66 3.92 19.72
C LEU B 583 8.18 2.96 20.78
N ALA B 584 9.30 2.33 20.52
CA ALA B 584 9.88 1.42 21.49
C ALA B 584 10.36 2.17 22.75
N LEU B 585 10.78 3.41 22.59
CA LEU B 585 11.05 4.25 23.74
C LEU B 585 9.82 4.58 24.52
N LEU B 586 8.76 4.99 23.88
CA LEU B 586 7.59 5.45 24.57
C LEU B 586 7.11 4.30 25.38
N TYR B 587 7.24 3.12 24.80
CA TYR B 587 6.88 1.88 25.42
C TYR B 587 7.74 1.49 26.57
N ASP B 588 9.04 1.57 26.41
CA ASP B 588 9.92 1.08 27.44
C ASP B 588 9.91 1.84 28.75
N GLY B 589 9.91 3.17 28.72
CA GLY B 589 9.78 3.93 29.96
C GLY B 589 8.43 4.57 30.28
N GLU B 590 7.71 3.91 31.17
CA GLU B 590 6.32 4.07 31.61
C GLU B 590 6.24 4.93 32.87
N ARG B 592 7.76 6.97 33.40
CA ARG B 592 8.13 8.35 33.69
C ARG B 592 8.14 9.37 32.56
N ILE B 593 8.32 8.82 31.36
CA ILE B 593 8.55 9.49 30.07
C ILE B 593 7.48 10.29 29.34
N VAL B 594 6.24 9.91 29.51
CA VAL B 594 5.23 10.65 28.87
C VAL B 594 5.24 12.05 29.42
N PRO B 595 5.29 12.18 30.74
CA PRO B 595 5.24 13.54 31.26
C PRO B 595 6.54 14.18 31.02
N GLU B 596 7.54 13.37 31.22
CA GLU B 596 8.92 13.80 31.08
C GLU B 596 9.22 14.34 29.68
N MET B 597 8.73 13.62 28.66
CA MET B 597 8.92 14.05 27.29
C MET B 597 7.99 15.18 26.93
N THR B 598 6.82 15.21 27.57
CA THR B 598 5.87 16.29 27.38
C THR B 598 6.50 17.62 27.78
N THR B 599 7.24 17.59 28.89
CA THR B 599 7.91 18.78 29.36
C THR B 599 9.19 19.04 28.56
N LYS B 600 9.95 17.98 28.29
CA LYS B 600 11.12 18.04 27.41
C LYS B 600 10.74 18.71 26.10
N GLY B 601 9.48 18.61 25.73
CA GLY B 601 9.01 19.16 24.47
C GLY B 601 8.45 20.57 24.61
N GLY B 602 7.68 20.81 25.66
CA GLY B 602 7.12 22.13 25.90
C GLY B 602 8.24 23.13 26.00
N ALA B 603 9.38 22.67 26.49
CA ALA B 603 10.58 23.48 26.67
C ALA B 603 11.06 24.16 25.38
N LEU B 604 11.00 23.43 24.27
CA LEU B 604 11.67 23.84 23.04
C LEU B 604 11.06 24.99 22.25
N THR B 605 11.92 25.74 21.56
CA THR B 605 11.50 26.87 20.77
C THR B 605 11.46 26.57 19.25
N GLN B 606 12.37 25.72 18.84
CA GLN B 606 12.39 25.22 17.49
C GLN B 606 12.73 23.75 17.52
N LEU B 607 12.14 22.99 16.61
CA LEU B 607 12.41 21.57 16.48
C LEU B 607 13.41 21.34 15.37
N PRO B 608 14.06 20.16 15.38
CA PRO B 608 14.99 19.83 14.30
C PRO B 608 14.28 19.50 13.00
N SER B 609 14.68 20.15 11.91
CA SER B 609 14.31 19.70 10.58
C SER B 609 15.12 18.44 10.31
N PRO B 610 14.67 17.59 9.38
CA PRO B 610 15.44 16.40 9.03
C PRO B 610 16.78 16.73 8.39
N GLY B 611 17.00 18.01 8.08
CA GLY B 611 18.28 18.45 7.55
C GLY B 611 19.35 18.67 8.62
N GLY B 612 18.91 18.83 9.88
CA GLY B 612 19.82 19.05 10.99
C GLY B 612 19.65 20.42 11.64
N VAL B 613 19.27 21.40 10.83
CA VAL B 613 18.97 22.76 11.29
C VAL B 613 17.83 22.79 12.29
N CYS B 614 17.94 23.65 13.30
CA CYS B 614 16.85 23.89 14.25
C CYS B 614 16.23 25.27 14.01
N PHE B 621 -0.77 26.62 18.37
CA PHE B 621 -1.34 25.26 18.32
C PHE B 621 -0.47 24.26 19.07
N ASN B 622 -0.81 24.00 20.32
CA ASN B 622 -0.04 23.04 21.08
C ASN B 622 -0.93 22.08 21.85
N SER B 623 -0.32 21.04 22.38
CA SER B 623 -0.99 20.11 23.25
C SER B 623 0.03 19.17 23.85
N ASN B 624 -0.42 18.34 24.77
CA ASN B 624 0.50 17.44 25.44
C ASN B 624 0.90 16.28 24.54
N PHE B 625 0.01 15.91 23.63
CA PHE B 625 0.36 14.94 22.60
C PHE B 625 1.44 15.51 21.72
N SER B 626 1.14 16.66 21.13
CA SER B 626 2.09 17.39 20.32
C SER B 626 3.41 17.55 21.03
N SER B 627 3.38 18.31 22.11
CA SER B 627 4.58 18.61 22.87
C SER B 627 5.34 17.35 23.25
N MET B 628 4.63 16.30 23.65
CA MET B 628 5.31 15.05 23.98
C MET B 628 6.13 14.59 22.81
N ILE B 629 5.45 14.47 21.67
CA ILE B 629 6.08 13.96 20.44
C ILE B 629 7.29 14.81 20.08
N ALA B 630 7.19 16.11 20.39
CA ALA B 630 8.34 16.99 20.23
C ALA B 630 9.45 16.58 21.18
N GLY B 631 9.08 16.15 22.37
CA GLY B 631 10.06 15.72 23.34
C GLY B 631 10.80 14.50 22.86
N CYS B 632 10.06 13.54 22.32
CA CYS B 632 10.63 12.33 21.76
C CYS B 632 11.57 12.61 20.61
N CYS B 633 11.08 13.42 19.67
CA CYS B 633 11.87 13.82 18.53
C CYS B 633 13.18 14.37 19.02
N SER B 634 13.08 15.42 19.82
CA SER B 634 14.23 16.13 20.36
C SER B 634 15.24 15.24 21.09
N HIS B 635 14.74 14.35 21.92
CA HIS B 635 15.61 13.43 22.63
C HIS B 635 16.32 12.52 21.64
N GLN B 636 15.63 12.15 20.57
CA GLN B 636 16.21 11.26 19.59
C GLN B 636 17.31 11.99 18.85
N HIS B 637 17.05 13.24 18.53
CA HIS B 637 18.06 14.07 17.90
C HIS B 637 19.28 14.13 18.80
N ASP B 638 19.05 14.34 20.09
CA ASP B 638 20.13 14.38 21.08
C ASP B 638 21.02 13.15 20.98
N LYS B 639 20.43 11.98 20.96
CA LYS B 639 21.22 10.76 21.02
C LYS B 639 21.60 10.26 19.63
N ARG B 640 21.73 11.21 18.69
CA ARG B 640 22.34 10.97 17.38
C ARG B 640 21.57 9.96 16.53
N LEU B 641 20.25 10.08 16.52
CA LEU B 641 19.38 9.20 15.75
C LEU B 641 19.64 7.75 16.06
N GLU B 642 19.87 7.46 17.34
CA GLU B 642 19.97 6.08 17.77
C GLU B 642 19.68 5.94 19.26
N LEU B 643 18.43 5.62 19.57
CA LEU B 643 17.95 5.42 20.92
C LEU B 643 18.34 3.95 20.67
N ARG B 644 18.45 3.20 21.76
CA ARG B 644 18.75 1.77 21.76
C ARG B 644 17.74 1.04 22.58
N THR B 645 16.68 1.71 22.91
CA THR B 645 15.83 1.33 24.01
C THR B 645 15.54 -0.10 23.80
N PRO B 646 15.35 -0.82 24.98
CA PRO B 646 15.47 -2.27 24.78
C PRO B 646 14.62 -3.03 23.85
N SER B 647 13.40 -2.60 23.67
CA SER B 647 12.45 -3.35 22.93
C SER B 647 12.70 -3.15 21.47
N CYS B 648 13.60 -2.26 21.10
CA CYS B 648 13.88 -2.08 19.67
C CYS B 648 14.70 -3.13 18.96
N TYR B 649 14.28 -3.52 17.77
CA TYR B 649 14.94 -4.56 17.03
C TYR B 649 15.44 -3.90 15.77
N LEU B 650 16.61 -3.27 15.88
CA LEU B 650 17.11 -2.50 14.78
C LEU B 650 18.59 -2.57 14.74
N PRO B 651 19.13 -2.56 13.56
CA PRO B 651 20.58 -2.50 13.40
C PRO B 651 21.12 -1.12 13.75
N ARG B 652 22.40 -1.07 14.10
CA ARG B 652 23.00 0.20 14.45
C ARG B 652 23.32 0.95 13.18
N GLY B 653 22.64 2.06 12.95
CA GLY B 653 22.99 2.92 11.84
C GLY B 653 22.17 2.74 10.57
N PHE B 654 20.90 2.37 10.74
CA PHE B 654 19.97 2.29 9.62
C PHE B 654 18.81 3.22 9.86
N THR B 655 19.10 4.35 10.50
CA THR B 655 18.08 5.27 10.95
C THR B 655 18.25 6.63 10.30
N SER B 656 17.15 7.21 9.83
CA SER B 656 17.15 8.53 9.23
C SER B 656 16.23 9.49 9.96
N ALA B 657 16.60 10.76 9.99
CA ALA B 657 15.79 11.79 10.64
C ALA B 657 14.39 11.92 10.00
N THR B 658 13.44 12.38 10.78
CA THR B 658 12.16 12.72 10.23
C THR B 658 11.43 13.73 11.11
N ARG B 659 10.55 14.52 10.54
CA ARG B 659 9.89 15.58 11.27
C ARG B 659 9.23 14.99 12.50
N HIS B 660 8.83 15.82 13.44
CA HIS B 660 8.13 15.30 14.61
C HIS B 660 6.74 14.89 14.17
N ILE B 661 6.20 15.60 13.18
CA ILE B 661 4.86 15.36 12.68
C ILE B 661 4.67 13.92 12.25
N GLU B 662 5.75 13.29 11.80
CA GLU B 662 5.65 11.94 11.32
C GLU B 662 5.55 10.95 12.49
N ILE B 663 6.28 11.20 13.56
CA ILE B 663 6.17 10.40 14.78
C ILE B 663 4.78 10.55 15.37
N GLY B 664 4.31 11.79 15.33
CA GLY B 664 2.93 12.09 15.61
C GLY B 664 2.04 11.12 14.87
N ALA B 665 1.98 11.28 13.54
CA ALA B 665 1.17 10.45 12.64
C ALA B 665 1.25 8.95 12.90
N ALA B 666 2.45 8.42 13.06
CA ALA B 666 2.61 7.01 13.41
C ALA B 666 1.93 6.60 14.72
N LEU B 667 2.16 7.31 15.82
CA LEU B 667 1.44 6.99 17.03
C LEU B 667 -0.03 7.22 16.78
N ASN B 668 -0.33 8.31 16.10
CA ASN B 668 -1.67 8.79 15.92
C ASN B 668 -2.61 7.73 15.39
N ARG B 669 -2.05 6.79 14.68
CA ARG B 669 -2.77 5.73 14.04
C ARG B 669 -2.37 4.35 14.58
N LEU B 670 -1.92 4.34 15.83
CA LEU B 670 -1.72 3.07 16.47
C LEU B 670 -3.13 2.66 16.70
N ARG B 671 -3.49 1.45 16.37
CA ARG B 671 -4.87 1.06 16.58
C ARG B 671 -5.32 0.45 18.01
N THR B 672 -4.28 0.40 18.78
CA THR B 672 -4.33 0.17 20.18
C THR B 672 -4.24 1.50 20.93
N LEU B 673 -4.35 2.63 20.26
CA LEU B 673 -4.14 3.91 20.91
C LEU B 673 -5.25 4.28 21.79
N ARG B 674 -4.94 4.82 22.98
CA ARG B 674 -5.94 5.45 23.86
C ARG B 674 -5.45 6.75 24.43
N THR B 675 -6.34 7.73 24.53
CA THR B 675 -5.96 9.12 24.73
C THR B 675 -7.04 9.90 25.52
N VAL B 676 -6.60 10.82 26.39
CA VAL B 676 -7.49 11.41 27.41
C VAL B 676 -7.57 12.94 27.37
N THR B 677 -8.70 13.48 27.77
CA THR B 677 -8.88 14.93 27.75
C THR B 677 -9.61 15.48 28.97
#